data_6B3B
#
_entry.id   6B3B
#
_cell.length_a   60.705
_cell.length_b   88.337
_cell.length_c   136.755
_cell.angle_alpha   90.000
_cell.angle_beta   90.000
_cell.angle_gamma   90.000
#
_symmetry.space_group_name_H-M   'P 21 21 21'
#
loop_
_entity.id
_entity.type
_entity.pdbx_description
1 polymer 'AprA Methyltransferase 1'
2 non-polymer S-ADENOSYLMETHIONINE
3 non-polymer 'MANGANESE (II) ION'
4 non-polymer 'MALONATE ION'
5 non-polymer GLYCEROL
6 water water
#
_entity_poly.entity_id   1
_entity_poly.type   'polypeptide(L)'
_entity_poly.pdbx_seq_one_letter_code
;MHHHHHHSSGVDLGTENLYFQSNALDKINRYAHGFVAVPVICACSEAGVFELLSQKKSLKLEEIVEHLAANSGHLMVAMR
LLESLSFLYRSQAEEYILTEQSQQHQIIPKALMSLYKYPFELYLKGEVETGISNWINCSSRRWDTENSLLSDLLDGVLLI
PLLLELKKQNLLDESKKIFNTLTNSLKQELSTLFINLGWAEEKTEGLYLTDIGRFMRDRSLNLGTTASYAPMLLQMKELL
FGNPQRVFQRNKTEKERHVNRTLNVVASGFQHEKFFADTDKIIISIFNQQPIEEQPIYIVDMGCGDGTLLKRIYKIIKQF
SARGKVLTEYPIIMVGVDYNQEALDVTDKNLVDIPHLVIPGDIGAPEKLLEQLKAQGIEPEKVLHIRSFLDHDRPFIAPK
NTEIAQARSQLDYQVVDVDREGKLIPPHIAVQSLVEHLERWSSIITRHGLLLLEVHSLTPAVVKKYIDESESLHFDAYHA
FSMQHLVEADVFLMAAAEVGLFSRKEAFRKYPKTLPLTRITVNHFEKRKYQIRYATVNDIPNLLKCATFNPPVNEPFFQV
LLKQTPTAHLLLEYQGELVAAIFTETKNSNEVLGIREFLVRTSVENWQVLAKDLLEFVEQWGVVKPGIKEIEGLLKYHEA
ISNFQKSKWYQS
;
_entity_poly.pdbx_strand_id   A
#
loop_
_chem_comp.id
_chem_comp.type
_chem_comp.name
_chem_comp.formula
GOL non-polymer GLYCEROL 'C3 H8 O3'
MLI non-polymer 'MALONATE ION' 'C3 H2 O4 -2'
MN non-polymer 'MANGANESE (II) ION' 'Mn 2'
SAM non-polymer S-ADENOSYLMETHIONINE 'C15 H22 N6 O5 S'
#
# COMPACT_ATOMS: atom_id res chain seq x y z
N ALA A 24 2.03 -12.22 20.63
CA ALA A 24 3.00 -13.18 20.13
C ALA A 24 3.34 -12.90 18.68
N LEU A 25 2.31 -12.62 17.87
CA LEU A 25 2.51 -12.29 16.46
C LEU A 25 2.92 -10.84 16.27
N ASP A 26 2.72 -10.01 17.30
CA ASP A 26 3.20 -8.64 17.26
C ASP A 26 4.72 -8.55 17.24
N LYS A 27 5.41 -9.63 17.67
CA LYS A 27 6.88 -9.60 17.71
C LYS A 27 7.47 -9.54 16.31
N ILE A 28 6.95 -10.36 15.38
CA ILE A 28 7.48 -10.38 14.02
C ILE A 28 7.27 -9.03 13.35
N ASN A 29 6.13 -8.39 13.60
CA ASN A 29 5.88 -7.08 13.03
C ASN A 29 6.83 -6.04 13.62
N ARG A 30 7.09 -6.11 14.92
CA ARG A 30 7.99 -5.15 15.56
C ARG A 30 9.41 -5.29 15.05
N TYR A 31 9.84 -6.53 14.77
CA TYR A 31 11.17 -6.73 14.20
C TYR A 31 11.30 -6.04 12.86
N ALA A 32 10.28 -6.19 12.01
CA ALA A 32 10.29 -5.52 10.71
C ALA A 32 10.26 -4.00 10.88
N HIS A 33 9.50 -3.49 11.85
CA HIS A 33 9.56 -2.06 12.17
C HIS A 33 10.99 -1.63 12.47
N GLY A 34 11.69 -2.40 13.32
CA GLY A 34 13.03 -2.01 13.70
C GLY A 34 14.00 -2.04 12.53
N PHE A 35 13.85 -3.03 11.65
CA PHE A 35 14.74 -3.16 10.51
C PHE A 35 14.78 -1.89 9.67
N VAL A 36 13.65 -1.18 9.57
CA VAL A 36 13.61 0.08 8.84
C VAL A 36 13.81 1.28 9.76
N ALA A 37 13.25 1.24 10.97
CA ALA A 37 13.29 2.41 11.85
C ALA A 37 14.69 2.69 12.39
N VAL A 38 15.46 1.64 12.73
CA VAL A 38 16.78 1.86 13.32
C VAL A 38 17.72 2.58 12.36
N PRO A 39 17.80 2.20 11.07
CA PRO A 39 18.63 3.02 10.16
C PRO A 39 18.18 4.46 10.08
N VAL A 40 16.87 4.71 10.09
CA VAL A 40 16.35 6.08 10.04
C VAL A 40 16.76 6.85 11.29
N ILE A 41 16.49 6.28 12.47
CA ILE A 41 16.82 6.95 13.73
C ILE A 41 18.32 7.22 13.82
N CYS A 42 19.14 6.21 13.54
CA CYS A 42 20.58 6.38 13.69
C CYS A 42 21.12 7.42 12.73
N ALA A 43 20.65 7.43 11.47
CA ALA A 43 21.11 8.44 10.53
C ALA A 43 20.69 9.84 10.97
N CYS A 44 19.44 9.99 11.41
CA CYS A 44 19.00 11.29 11.92
C CYS A 44 19.83 11.72 13.12
N SER A 45 20.13 10.80 14.03
N SER A 45 20.09 10.80 14.05
CA SER A 45 20.91 11.14 15.22
CA SER A 45 20.92 11.13 15.22
C SER A 45 22.29 11.64 14.84
C SER A 45 22.28 11.65 14.81
N GLU A 46 23.00 10.88 13.98
CA GLU A 46 24.36 11.25 13.62
C GLU A 46 24.43 12.56 12.86
N ALA A 47 23.39 12.87 12.07
CA ALA A 47 23.33 14.13 11.35
C ALA A 47 22.96 15.33 12.23
N GLY A 48 22.52 15.11 13.46
CA GLY A 48 22.14 16.25 14.30
C GLY A 48 20.70 16.68 14.18
N VAL A 49 19.81 15.82 13.67
CA VAL A 49 18.40 16.18 13.56
C VAL A 49 17.80 16.47 14.94
N PHE A 50 18.06 15.59 15.92
CA PHE A 50 17.46 15.78 17.23
C PHE A 50 18.07 16.98 17.95
N GLU A 51 19.35 17.27 17.71
CA GLU A 51 19.95 18.47 18.28
C GLU A 51 19.37 19.71 17.64
N LEU A 52 19.24 19.71 16.31
CA LEU A 52 18.70 20.87 15.60
C LEU A 52 17.30 21.23 16.09
N LEU A 53 16.42 20.23 16.23
CA LEU A 53 15.08 20.41 16.76
C LEU A 53 15.07 20.67 18.27
N SER A 54 16.23 20.63 18.93
CA SER A 54 16.38 21.08 20.31
C SER A 54 16.86 22.53 20.42
N GLN A 55 17.87 22.91 19.62
CA GLN A 55 18.36 24.28 19.62
C GLN A 55 17.28 25.26 19.14
N LYS A 56 16.52 24.85 18.11
CA LYS A 56 15.34 25.59 17.68
C LYS A 56 14.19 24.61 17.59
N LYS A 57 13.15 24.83 18.40
CA LYS A 57 12.19 23.79 18.73
C LYS A 57 11.06 23.62 17.71
N SER A 58 10.93 24.49 16.71
CA SER A 58 9.85 24.35 15.73
C SER A 58 10.34 24.72 14.33
N LEU A 59 10.64 23.71 13.54
CA LEU A 59 11.10 23.90 12.17
C LEU A 59 10.16 23.18 11.22
N LYS A 60 9.86 23.82 10.10
CA LYS A 60 9.16 23.16 9.01
C LYS A 60 10.15 22.27 8.26
N LEU A 61 9.61 21.34 7.47
CA LEU A 61 10.46 20.41 6.73
C LEU A 61 11.54 21.16 5.96
N GLU A 62 11.15 22.21 5.23
CA GLU A 62 12.12 22.81 4.33
C GLU A 62 13.21 23.58 5.07
N GLU A 63 12.96 24.00 6.31
CA GLU A 63 14.05 24.58 7.08
C GLU A 63 15.03 23.51 7.54
N ILE A 64 14.52 22.34 7.93
CA ILE A 64 15.41 21.23 8.27
C ILE A 64 16.23 20.83 7.06
N VAL A 65 15.58 20.72 5.89
CA VAL A 65 16.28 20.37 4.65
C VAL A 65 17.41 21.35 4.40
N GLU A 66 17.10 22.65 4.51
CA GLU A 66 18.09 23.69 4.23
C GLU A 66 19.29 23.60 5.17
N HIS A 67 19.03 23.49 6.48
CA HIS A 67 20.14 23.61 7.44
C HIS A 67 21.00 22.34 7.53
N LEU A 68 20.45 21.18 7.18
CA LEU A 68 21.21 19.94 7.18
C LEU A 68 21.58 19.48 5.78
N ALA A 69 21.30 20.31 4.76
CA ALA A 69 21.59 20.01 3.36
C ALA A 69 21.02 18.63 2.99
N ALA A 70 19.77 18.41 3.36
CA ALA A 70 19.14 17.10 3.21
C ALA A 70 18.38 17.01 1.88
N ASN A 71 17.92 15.79 1.59
CA ASN A 71 17.03 15.52 0.46
C ASN A 71 15.59 15.49 0.96
N SER A 72 14.77 16.42 0.47
CA SER A 72 13.46 16.67 1.08
C SER A 72 12.55 15.46 1.02
N GLY A 73 12.63 14.66 -0.04
CA GLY A 73 11.72 13.55 -0.18
C GLY A 73 12.02 12.44 0.80
N HIS A 74 13.27 11.92 0.76
CA HIS A 74 13.67 10.93 1.75
C HIS A 74 13.52 11.45 3.17
N LEU A 75 13.83 12.74 3.40
CA LEU A 75 13.69 13.27 4.75
C LEU A 75 12.23 13.25 5.18
N MET A 76 11.30 13.60 4.28
CA MET A 76 9.88 13.47 4.59
C MET A 76 9.52 12.05 4.99
N VAL A 77 10.10 11.04 4.32
CA VAL A 77 9.81 9.65 4.70
C VAL A 77 10.28 9.39 6.13
N ALA A 78 11.48 9.87 6.47
CA ALA A 78 12.03 9.69 7.80
C ALA A 78 11.21 10.41 8.86
N MET A 79 10.78 11.64 8.58
CA MET A 79 10.00 12.39 9.57
C MET A 79 8.65 11.73 9.82
N ARG A 80 7.99 11.25 8.77
CA ARG A 80 6.73 10.55 8.95
C ARG A 80 6.93 9.29 9.79
N LEU A 81 8.04 8.59 9.58
CA LEU A 81 8.31 7.39 10.39
C LEU A 81 8.53 7.77 11.85
N LEU A 82 9.28 8.84 12.09
CA LEU A 82 9.53 9.30 13.45
C LEU A 82 8.23 9.76 14.10
N GLU A 83 7.36 10.43 13.34
CA GLU A 83 6.07 10.83 13.87
C GLU A 83 5.23 9.62 14.23
N SER A 84 5.30 8.57 13.40
CA SER A 84 4.50 7.37 13.65
C SER A 84 4.99 6.62 14.87
N LEU A 85 6.28 6.72 15.18
CA LEU A 85 6.85 6.18 16.40
C LEU A 85 6.69 7.11 17.60
N SER A 86 5.97 8.23 17.42
CA SER A 86 5.71 9.22 18.48
C SER A 86 6.98 9.91 18.96
N PHE A 87 8.02 9.96 18.13
CA PHE A 87 9.22 10.73 18.46
C PHE A 87 9.05 12.22 18.23
N LEU A 88 8.01 12.63 17.49
CA LEU A 88 7.78 14.03 17.21
C LEU A 88 6.34 14.18 16.74
N TYR A 89 5.92 15.42 16.59
CA TYR A 89 4.63 15.69 15.96
C TYR A 89 4.72 17.00 15.20
N ARG A 90 3.68 17.30 14.43
CA ARG A 90 3.59 18.52 13.64
C ARG A 90 2.59 19.47 14.28
N SER A 91 2.97 20.75 14.40
CA SER A 91 2.04 21.77 14.86
C SER A 91 1.03 22.11 13.77
N GLN A 92 0.10 23.01 14.10
CA GLN A 92 -0.87 23.47 13.11
C GLN A 92 -0.20 24.19 11.95
N ALA A 93 0.98 24.76 12.17
CA ALA A 93 1.78 25.38 11.13
C ALA A 93 2.69 24.39 10.41
N GLU A 94 2.55 23.10 10.69
CA GLU A 94 3.36 22.03 10.10
C GLU A 94 4.83 22.12 10.52
N GLU A 95 5.08 22.60 11.72
CA GLU A 95 6.42 22.60 12.28
C GLU A 95 6.62 21.32 13.08
N TYR A 96 7.84 20.78 13.03
CA TYR A 96 8.17 19.55 13.74
C TYR A 96 8.67 19.85 15.14
N ILE A 97 8.08 19.16 16.12
CA ILE A 97 8.40 19.36 17.53
C ILE A 97 8.71 18.00 18.13
N LEU A 98 9.85 17.88 18.80
CA LEU A 98 10.20 16.61 19.42
C LEU A 98 9.33 16.32 20.64
N THR A 99 9.18 15.04 20.93
CA THR A 99 8.55 14.54 22.15
C THR A 99 9.62 13.94 23.05
N GLU A 100 9.21 13.60 24.28
CA GLU A 100 10.11 12.94 25.21
C GLU A 100 10.60 11.59 24.66
N GLN A 101 9.78 10.89 23.88
CA GLN A 101 10.21 9.62 23.29
C GLN A 101 11.47 9.78 22.46
N SER A 102 11.65 10.93 21.79
CA SER A 102 12.78 11.07 20.89
C SER A 102 14.11 10.85 21.58
N GLN A 103 14.15 11.01 22.92
CA GLN A 103 15.38 10.73 23.66
C GLN A 103 15.82 9.29 23.49
N GLN A 104 14.92 8.39 23.08
CA GLN A 104 15.29 7.00 22.86
C GLN A 104 16.44 6.85 21.87
N HIS A 105 16.66 7.84 20.99
CA HIS A 105 17.72 7.70 20.01
C HIS A 105 19.07 7.53 20.68
N GLN A 106 19.22 8.04 21.91
CA GLN A 106 20.47 7.88 22.63
C GLN A 106 20.68 6.46 23.12
N ILE A 107 19.60 5.69 23.27
CA ILE A 107 19.70 4.31 23.75
C ILE A 107 20.26 3.37 22.67
N ILE A 108 20.13 3.73 21.40
CA ILE A 108 20.53 2.83 20.31
C ILE A 108 22.05 2.79 20.21
N PRO A 109 22.69 1.63 20.34
CA PRO A 109 24.15 1.56 20.11
C PRO A 109 24.43 1.83 18.64
N LYS A 110 25.28 2.81 18.36
CA LYS A 110 25.39 3.23 16.96
C LYS A 110 26.17 2.24 16.10
N ALA A 111 27.00 1.40 16.72
CA ALA A 111 27.61 0.30 15.98
C ALA A 111 26.60 -0.78 15.60
N LEU A 112 25.34 -0.66 16.00
CA LEU A 112 24.33 -1.64 15.61
C LEU A 112 24.11 -1.66 14.11
N MET A 113 24.38 -0.53 13.43
CA MET A 113 24.22 -0.48 11.98
C MET A 113 25.18 -1.44 11.27
N SER A 114 26.24 -1.90 11.93
CA SER A 114 27.15 -2.83 11.29
C SER A 114 26.48 -4.15 10.94
N LEU A 115 25.39 -4.51 11.63
CA LEU A 115 24.73 -5.79 11.35
C LEU A 115 24.11 -5.85 9.98
N TYR A 116 23.83 -4.70 9.35
CA TYR A 116 23.33 -4.76 7.98
C TYR A 116 24.40 -5.21 7.00
N LYS A 117 25.65 -5.33 7.46
CA LYS A 117 26.78 -5.72 6.62
C LYS A 117 27.45 -7.00 7.12
N TYR A 118 26.91 -7.63 8.16
CA TYR A 118 27.60 -8.74 8.82
C TYR A 118 27.34 -10.04 8.08
N PRO A 119 28.38 -10.83 7.78
CA PRO A 119 28.21 -12.11 7.04
C PRO A 119 27.68 -13.24 7.91
N PHE A 120 26.35 -13.23 8.11
CA PHE A 120 25.72 -14.29 8.88
C PHE A 120 25.95 -15.65 8.26
N GLU A 121 26.06 -15.73 6.93
CA GLU A 121 26.33 -17.00 6.29
C GLU A 121 27.66 -17.58 6.74
N LEU A 122 28.67 -16.71 6.90
CA LEU A 122 29.98 -17.14 7.34
C LEU A 122 30.07 -17.29 8.85
N TYR A 123 29.29 -16.51 9.60
CA TYR A 123 29.23 -16.65 11.05
C TYR A 123 28.73 -18.05 11.43
N LEU A 124 27.52 -18.39 11.01
CA LEU A 124 27.18 -19.80 10.91
C LEU A 124 28.18 -20.44 9.98
N LYS A 125 28.50 -21.71 10.22
CA LYS A 125 29.59 -22.40 9.53
C LYS A 125 30.93 -21.98 10.10
N GLY A 126 30.94 -20.99 10.99
CA GLY A 126 32.14 -20.56 11.69
C GLY A 126 33.35 -20.22 10.83
N GLU A 127 33.18 -19.33 9.86
CA GLU A 127 34.28 -18.86 9.02
C GLU A 127 34.47 -17.36 9.16
N VAL A 128 34.11 -16.81 10.31
CA VAL A 128 34.26 -15.39 10.58
C VAL A 128 35.19 -15.22 11.79
N GLU A 129 35.85 -14.06 11.85
CA GLU A 129 36.72 -13.78 12.98
C GLU A 129 35.91 -13.41 14.23
N THR A 130 34.93 -12.52 14.06
CA THR A 130 34.19 -11.93 15.17
C THR A 130 32.73 -12.37 15.14
N GLY A 131 32.25 -12.89 16.28
CA GLY A 131 30.87 -13.34 16.41
C GLY A 131 29.91 -12.21 16.71
N ILE A 132 28.78 -12.56 17.34
CA ILE A 132 27.74 -11.59 17.68
C ILE A 132 27.40 -11.64 19.16
N SER A 133 28.35 -12.09 19.98
CA SER A 133 28.09 -12.27 21.41
C SER A 133 27.64 -10.98 22.07
N ASN A 134 28.24 -9.85 21.66
CA ASN A 134 27.84 -8.57 22.23
C ASN A 134 26.35 -8.31 22.01
N TRP A 135 25.86 -8.60 20.81
CA TRP A 135 24.45 -8.31 20.52
C TRP A 135 23.53 -9.30 21.22
N ILE A 136 23.93 -10.57 21.30
CA ILE A 136 23.19 -11.55 22.06
C ILE A 136 23.04 -11.08 23.51
N ASN A 137 24.11 -10.51 24.07
CA ASN A 137 24.04 -10.04 25.46
C ASN A 137 23.16 -8.80 25.56
N CYS A 138 23.27 -7.88 24.61
CA CYS A 138 22.36 -6.75 24.53
C CYS A 138 20.91 -7.21 24.54
N SER A 139 20.58 -8.20 23.71
CA SER A 139 19.19 -8.68 23.66
C SER A 139 18.78 -9.32 24.97
N SER A 140 19.71 -9.97 25.69
CA SER A 140 19.38 -10.59 26.96
C SER A 140 19.01 -9.53 28.00
N ARG A 141 19.68 -8.37 27.97
CA ARG A 141 19.37 -7.25 28.84
C ARG A 141 18.27 -6.35 28.28
N ARG A 142 17.54 -6.83 27.26
CA ARG A 142 16.48 -6.05 26.61
C ARG A 142 17.01 -4.70 26.16
N TRP A 143 18.28 -4.65 25.76
CA TRP A 143 18.90 -3.45 25.23
C TRP A 143 18.89 -2.31 26.25
N ASP A 144 18.93 -2.67 27.53
CA ASP A 144 19.09 -1.68 28.61
C ASP A 144 17.99 -0.63 28.60
N THR A 145 16.79 -1.00 28.18
CA THR A 145 15.62 -0.15 28.30
C THR A 145 14.44 -1.01 28.73
N GLU A 146 13.49 -0.40 29.44
CA GLU A 146 12.26 -1.07 29.80
C GLU A 146 11.14 -0.79 28.80
N ASN A 147 11.41 0.00 27.77
CA ASN A 147 10.47 0.21 26.67
C ASN A 147 10.41 -1.06 25.83
N SER A 148 9.34 -1.84 26.03
CA SER A 148 9.24 -3.14 25.37
C SER A 148 9.28 -3.01 23.85
N LEU A 149 8.56 -2.02 23.30
CA LEU A 149 8.59 -1.81 21.86
C LEU A 149 10.00 -1.56 21.37
N LEU A 150 10.74 -0.66 22.04
CA LEU A 150 12.08 -0.31 21.59
C LEU A 150 13.01 -1.53 21.61
N SER A 151 12.90 -2.37 22.65
N SER A 151 12.91 -2.36 22.66
CA SER A 151 13.77 -3.54 22.73
CA SER A 151 13.75 -3.55 22.73
C SER A 151 13.48 -4.52 21.59
C SER A 151 13.50 -4.46 21.54
N ASP A 152 12.25 -4.56 21.09
CA ASP A 152 11.96 -5.40 19.94
C ASP A 152 12.41 -4.74 18.64
N LEU A 153 12.35 -3.41 18.56
CA LEU A 153 12.87 -2.73 17.37
C LEU A 153 14.35 -3.05 17.19
N LEU A 154 15.13 -2.94 18.27
CA LEU A 154 16.56 -3.23 18.20
C LEU A 154 16.81 -4.71 17.91
N ASP A 155 16.04 -5.60 18.54
CA ASP A 155 16.16 -7.04 18.26
C ASP A 155 16.02 -7.33 16.76
N GLY A 156 15.10 -6.64 16.09
CA GLY A 156 14.82 -6.93 14.70
C GLY A 156 16.02 -6.75 13.79
N VAL A 157 16.89 -5.79 14.14
CA VAL A 157 18.11 -5.58 13.37
C VAL A 157 18.98 -6.83 13.40
N LEU A 158 19.01 -7.52 14.56
CA LEU A 158 19.79 -8.74 14.72
C LEU A 158 19.03 -9.98 14.26
N LEU A 159 17.79 -10.14 14.70
CA LEU A 159 17.11 -11.42 14.54
C LEU A 159 16.65 -11.67 13.12
N ILE A 160 16.35 -10.64 12.34
CA ILE A 160 15.83 -10.82 10.99
C ILE A 160 16.89 -11.51 10.11
N PRO A 161 18.10 -10.97 9.94
CA PRO A 161 19.09 -11.68 9.11
C PRO A 161 19.50 -13.02 9.69
N LEU A 162 19.56 -13.14 11.01
CA LEU A 162 19.97 -14.39 11.64
C LEU A 162 18.92 -15.48 11.45
N LEU A 163 17.65 -15.14 11.63
CA LEU A 163 16.59 -16.11 11.44
C LEU A 163 16.50 -16.56 9.99
N LEU A 164 16.68 -15.63 9.04
CA LEU A 164 16.62 -16.00 7.63
C LEU A 164 17.79 -16.89 7.24
N GLU A 165 18.99 -16.61 7.75
CA GLU A 165 20.12 -17.48 7.44
C GLU A 165 20.00 -18.82 8.13
N LEU A 166 19.54 -18.84 9.40
CA LEU A 166 19.26 -20.12 10.06
C LEU A 166 18.26 -20.95 9.27
N LYS A 167 17.24 -20.30 8.71
CA LYS A 167 16.27 -21.01 7.87
C LYS A 167 16.92 -21.49 6.58
N LYS A 168 17.63 -20.60 5.89
CA LYS A 168 18.21 -20.92 4.59
C LYS A 168 19.15 -22.12 4.66
N GLN A 169 19.81 -22.32 5.80
CA GLN A 169 20.74 -23.44 5.94
C GLN A 169 20.10 -24.63 6.64
N ASN A 170 18.77 -24.62 6.80
CA ASN A 170 18.02 -25.74 7.39
C ASN A 170 18.49 -26.07 8.80
N LEU A 171 18.99 -25.07 9.53
CA LEU A 171 19.39 -25.27 10.92
C LEU A 171 18.20 -25.30 11.87
N LEU A 172 16.99 -25.13 11.36
CA LEU A 172 15.79 -25.14 12.19
C LEU A 172 14.73 -26.04 11.58
N ILE A 178 19.04 -30.00 16.64
CA ILE A 178 18.78 -28.57 16.46
C ILE A 178 20.05 -27.82 16.13
N PHE A 179 20.81 -27.50 17.16
CA PHE A 179 22.12 -26.87 17.01
C PHE A 179 23.25 -27.86 17.21
N ASN A 180 22.94 -29.15 17.33
CA ASN A 180 23.95 -30.19 17.54
C ASN A 180 24.93 -30.30 16.38
N THR A 181 24.64 -29.66 15.24
CA THR A 181 25.51 -29.71 14.08
C THR A 181 26.52 -28.56 14.04
N LEU A 182 26.31 -27.52 14.83
CA LEU A 182 27.26 -26.43 14.92
C LEU A 182 28.34 -26.76 15.96
N THR A 183 29.46 -26.05 15.87
CA THR A 183 30.49 -26.18 16.90
C THR A 183 29.92 -25.78 18.26
N ASN A 184 30.62 -26.20 19.32
CA ASN A 184 30.09 -26.00 20.67
C ASN A 184 29.97 -24.52 21.01
N SER A 185 30.91 -23.69 20.54
CA SER A 185 30.79 -22.26 20.79
C SER A 185 29.55 -21.70 20.12
N LEU A 186 29.41 -21.96 18.81
CA LEU A 186 28.24 -21.50 18.08
C LEU A 186 26.96 -22.01 18.71
N LYS A 187 26.95 -23.28 19.12
CA LYS A 187 25.77 -23.88 19.74
C LYS A 187 25.38 -23.14 21.02
N GLN A 188 26.36 -22.85 21.87
CA GLN A 188 26.07 -22.15 23.12
C GLN A 188 25.55 -20.74 22.87
N GLU A 189 26.16 -20.03 21.91
CA GLU A 189 25.71 -18.69 21.54
C GLU A 189 24.23 -18.69 21.22
N LEU A 190 23.85 -19.48 20.21
CA LEU A 190 22.48 -19.47 19.72
C LEU A 190 21.52 -20.11 20.72
N SER A 191 21.99 -21.10 21.49
CA SER A 191 21.15 -21.67 22.54
C SER A 191 20.83 -20.64 23.60
N THR A 192 21.81 -19.83 23.99
CA THR A 192 21.54 -18.73 24.89
C THR A 192 20.51 -17.78 24.31
N LEU A 193 20.75 -17.34 23.06
CA LEU A 193 19.82 -16.41 22.41
C LEU A 193 18.41 -16.98 22.35
N PHE A 194 18.29 -18.22 21.84
CA PHE A 194 16.97 -18.81 21.64
C PHE A 194 16.26 -19.03 22.97
N ILE A 195 16.98 -19.44 24.02
CA ILE A 195 16.36 -19.66 25.32
C ILE A 195 15.91 -18.34 25.94
N ASN A 196 16.70 -17.28 25.75
CA ASN A 196 16.33 -15.99 26.30
C ASN A 196 15.11 -15.39 25.60
N LEU A 197 14.90 -15.76 24.35
CA LEU A 197 13.79 -15.27 23.56
C LEU A 197 12.55 -16.15 23.66
N GLY A 198 12.62 -17.26 24.39
CA GLY A 198 11.50 -18.17 24.46
C GLY A 198 11.29 -18.97 23.21
N TRP A 199 12.30 -19.05 22.34
CA TRP A 199 12.18 -19.79 21.09
C TRP A 199 12.59 -21.25 21.23
N ALA A 200 13.46 -21.56 22.19
CA ALA A 200 13.91 -22.93 22.41
C ALA A 200 14.00 -23.19 23.91
N GLU A 201 13.82 -24.45 24.28
CA GLU A 201 13.87 -24.90 25.68
C GLU A 201 14.54 -26.26 25.74
N GLU A 202 15.10 -26.58 26.90
CA GLU A 202 15.66 -27.92 27.16
C GLU A 202 15.33 -28.32 28.59
N LYS A 203 14.18 -28.99 28.76
CA LYS A 203 13.74 -29.43 30.07
C LYS A 203 14.44 -30.73 30.46
N THR A 204 14.13 -31.81 29.76
CA THR A 204 14.85 -33.07 29.87
C THR A 204 15.50 -33.38 28.52
N GLU A 205 16.67 -34.02 28.57
CA GLU A 205 17.46 -34.32 27.39
C GLU A 205 17.98 -33.04 26.73
N GLY A 206 17.79 -32.89 25.41
CA GLY A 206 18.38 -31.82 24.66
C GLY A 206 17.42 -30.68 24.35
N LEU A 207 17.80 -29.85 23.37
CA LEU A 207 17.06 -28.67 23.00
C LEU A 207 15.81 -29.02 22.20
N TYR A 208 14.87 -28.08 22.18
CA TYR A 208 13.63 -28.22 21.41
C TYR A 208 13.06 -26.84 21.16
N LEU A 209 12.71 -26.55 19.90
CA LEU A 209 12.05 -25.30 19.58
C LEU A 209 10.67 -25.25 20.22
N THR A 210 10.34 -24.13 20.86
CA THR A 210 9.04 -23.97 21.48
C THR A 210 7.99 -23.68 20.41
N ASP A 211 6.77 -23.36 20.83
CA ASP A 211 5.75 -22.95 19.89
C ASP A 211 6.12 -21.63 19.22
N ILE A 212 6.58 -20.66 20.02
CA ILE A 212 7.02 -19.38 19.48
C ILE A 212 8.20 -19.59 18.54
N GLY A 213 9.15 -20.43 18.94
CA GLY A 213 10.27 -20.72 18.06
C GLY A 213 9.81 -21.35 16.76
N ARG A 214 8.97 -22.38 16.85
CA ARG A 214 8.42 -23.00 15.65
C ARG A 214 7.68 -21.98 14.79
N PHE A 215 7.01 -21.01 15.41
CA PHE A 215 6.25 -20.04 14.64
C PHE A 215 7.15 -19.06 13.89
N MET A 216 8.23 -18.62 14.53
CA MET A 216 9.16 -17.69 13.87
C MET A 216 9.79 -18.34 12.65
N ARG A 217 10.18 -19.61 12.76
CA ARG A 217 10.70 -20.34 11.62
C ARG A 217 9.65 -20.45 10.52
N ASP A 218 8.43 -20.84 10.87
CA ASP A 218 7.39 -21.10 9.87
C ASP A 218 6.85 -19.84 9.22
N ARG A 219 7.25 -18.66 9.68
CA ARG A 219 6.78 -17.39 9.12
C ARG A 219 7.91 -16.52 8.59
N SER A 220 9.11 -17.07 8.44
CA SER A 220 10.27 -16.25 8.11
C SER A 220 10.13 -15.56 6.76
N LEU A 221 9.41 -16.17 5.83
CA LEU A 221 9.30 -15.57 4.49
C LEU A 221 8.59 -14.23 4.52
N ASN A 222 7.75 -13.97 5.53
CA ASN A 222 7.08 -12.69 5.61
C ASN A 222 8.05 -11.55 5.88
N LEU A 223 9.19 -11.86 6.50
CA LEU A 223 10.25 -10.89 6.72
C LEU A 223 11.13 -10.71 5.50
N GLY A 224 11.06 -11.60 4.51
CA GLY A 224 11.98 -11.57 3.39
C GLY A 224 11.87 -10.33 2.52
N THR A 225 10.65 -9.81 2.35
CA THR A 225 10.48 -8.58 1.59
C THR A 225 11.21 -7.42 2.26
N THR A 226 10.96 -7.23 3.56
CA THR A 226 11.65 -6.15 4.27
C THR A 226 13.14 -6.37 4.29
N ALA A 227 13.58 -7.62 4.57
CA ALA A 227 15.01 -7.91 4.62
C ALA A 227 15.69 -7.62 3.29
N SER A 228 14.98 -7.80 2.17
CA SER A 228 15.62 -7.66 0.88
C SER A 228 16.07 -6.22 0.61
N TYR A 229 15.56 -5.25 1.36
CA TYR A 229 15.99 -3.86 1.22
C TYR A 229 17.15 -3.48 2.12
N ALA A 230 17.81 -4.45 2.75
CA ALA A 230 18.98 -4.14 3.57
C ALA A 230 20.01 -3.28 2.86
N PRO A 231 20.35 -3.48 1.59
CA PRO A 231 21.36 -2.59 0.96
C PRO A 231 20.93 -1.14 0.96
N MET A 232 19.66 -0.88 0.61
CA MET A 232 19.14 0.49 0.65
C MET A 232 19.12 1.03 2.07
N LEU A 233 18.67 0.22 3.04
CA LEU A 233 18.55 0.72 4.41
C LEU A 233 19.92 1.00 5.03
N LEU A 234 20.93 0.22 4.65
CA LEU A 234 22.30 0.49 5.12
C LEU A 234 22.75 1.89 4.72
N GLN A 235 22.32 2.37 3.57
CA GLN A 235 22.72 3.66 3.05
C GLN A 235 21.71 4.75 3.34
N MET A 236 21.03 4.66 4.48
CA MET A 236 20.04 5.67 4.83
C MET A 236 20.68 7.05 4.90
N LYS A 237 21.91 7.12 5.44
CA LYS A 237 22.65 8.38 5.48
C LYS A 237 22.74 9.04 4.12
N GLU A 238 23.01 8.24 3.08
CA GLU A 238 23.10 8.76 1.71
C GLU A 238 21.73 9.21 1.20
N LEU A 239 20.67 8.45 1.49
CA LEU A 239 19.33 8.85 1.06
C LEU A 239 18.93 10.19 1.65
N LEU A 240 19.14 10.36 2.96
CA LEU A 240 18.68 11.54 3.67
C LEU A 240 19.58 12.74 3.41
N PHE A 241 20.90 12.54 3.38
CA PHE A 241 21.84 13.65 3.44
C PHE A 241 22.89 13.66 2.33
N GLY A 242 22.86 12.70 1.40
CA GLY A 242 23.86 12.65 0.35
C GLY A 242 23.27 12.64 -1.06
N ASN A 243 23.84 11.79 -1.92
CA ASN A 243 23.38 11.63 -3.29
C ASN A 243 22.60 10.32 -3.38
N PRO A 244 21.28 10.38 -3.40
CA PRO A 244 20.50 9.12 -3.36
C PRO A 244 20.74 8.25 -4.58
N GLN A 245 21.06 8.86 -5.72
CA GLN A 245 21.29 8.08 -6.92
C GLN A 245 22.45 7.09 -6.78
N ARG A 246 23.40 7.34 -5.87
CA ARG A 246 24.42 6.34 -5.59
C ARG A 246 23.81 5.07 -5.02
N VAL A 247 22.66 5.19 -4.35
CA VAL A 247 22.02 4.01 -3.80
C VAL A 247 21.34 3.21 -4.91
N PHE A 248 20.84 3.89 -5.95
CA PHE A 248 19.99 3.23 -6.94
C PHE A 248 20.64 3.00 -8.29
N GLN A 249 21.67 3.78 -8.66
CA GLN A 249 22.31 3.64 -9.96
C GLN A 249 22.62 2.18 -10.27
N ARG A 250 22.31 1.76 -11.49
CA ARG A 250 22.56 0.39 -11.91
C ARG A 250 23.74 0.34 -12.86
N ASN A 251 24.45 -0.79 -12.84
CA ASN A 251 25.65 -0.96 -13.65
C ASN A 251 25.30 -1.22 -15.10
N LYS A 252 26.28 -1.74 -15.85
CA LYS A 252 26.00 -2.18 -17.21
C LYS A 252 25.14 -3.44 -17.21
N THR A 253 25.36 -4.32 -16.22
CA THR A 253 24.60 -5.57 -16.09
C THR A 253 23.13 -5.34 -15.74
N GLU A 254 22.75 -4.12 -15.37
CA GLU A 254 21.39 -3.70 -15.06
C GLU A 254 20.83 -4.28 -13.77
N LYS A 255 21.65 -4.99 -12.99
CA LYS A 255 21.22 -5.43 -11.68
C LYS A 255 20.93 -4.23 -10.78
N GLU A 256 19.85 -4.32 -10.00
CA GLU A 256 19.58 -3.33 -8.97
C GLU A 256 20.48 -3.57 -7.76
N ARG A 257 20.90 -2.49 -7.13
CA ARG A 257 21.75 -2.62 -5.94
C ARG A 257 21.09 -2.10 -4.67
N HIS A 258 19.95 -1.41 -4.76
CA HIS A 258 19.23 -1.01 -3.56
C HIS A 258 18.43 -2.15 -2.94
N VAL A 259 18.23 -3.24 -3.67
CA VAL A 259 17.43 -4.36 -3.18
C VAL A 259 17.99 -5.65 -3.75
N ASN A 260 17.92 -6.72 -2.96
CA ASN A 260 18.21 -8.07 -3.44
C ASN A 260 16.95 -8.56 -4.14
N ARG A 261 16.87 -8.29 -5.44
CA ARG A 261 15.59 -8.44 -6.15
C ARG A 261 15.15 -9.90 -6.24
N THR A 262 16.09 -10.83 -6.39
CA THR A 262 15.70 -12.23 -6.51
C THR A 262 15.00 -12.71 -5.24
N LEU A 263 15.60 -12.44 -4.08
CA LEU A 263 14.95 -12.79 -2.81
C LEU A 263 13.65 -12.01 -2.63
N ASN A 264 13.65 -10.75 -3.08
CA ASN A 264 12.46 -9.92 -2.98
C ASN A 264 11.27 -10.56 -3.70
N VAL A 265 11.48 -10.98 -4.95
CA VAL A 265 10.40 -11.52 -5.77
C VAL A 265 9.82 -12.80 -5.17
N VAL A 266 10.69 -13.70 -4.70
CA VAL A 266 10.24 -14.89 -4.00
C VAL A 266 9.38 -14.51 -2.80
N ALA A 267 9.88 -13.62 -1.96
CA ALA A 267 9.18 -13.28 -0.72
C ALA A 267 7.89 -12.53 -1.01
N SER A 268 7.93 -11.53 -1.90
CA SER A 268 6.70 -10.78 -2.15
C SER A 268 5.71 -11.62 -2.96
N GLY A 269 6.19 -12.50 -3.85
CA GLY A 269 5.27 -13.41 -4.53
C GLY A 269 4.51 -14.28 -3.54
N PHE A 270 5.22 -14.77 -2.52
CA PHE A 270 4.58 -15.56 -1.47
C PHE A 270 3.55 -14.75 -0.69
N GLN A 271 3.83 -13.47 -0.43
CA GLN A 271 2.85 -12.67 0.29
C GLN A 271 1.68 -12.29 -0.61
N HIS A 272 1.93 -11.91 -1.87
CA HIS A 272 0.85 -11.55 -2.79
C HIS A 272 -0.10 -12.72 -3.01
N GLU A 273 0.45 -13.93 -3.10
CA GLU A 273 -0.38 -15.09 -3.42
C GLU A 273 -1.44 -15.33 -2.36
N LYS A 274 -1.21 -14.84 -1.13
CA LYS A 274 -2.21 -14.99 -0.08
C LYS A 274 -3.53 -14.31 -0.42
N PHE A 275 -3.53 -13.34 -1.33
CA PHE A 275 -4.75 -12.63 -1.73
C PHE A 275 -5.32 -13.10 -3.05
N PHE A 276 -4.65 -14.01 -3.75
CA PHE A 276 -5.18 -14.48 -5.02
C PHE A 276 -6.50 -15.24 -4.84
N ALA A 277 -6.68 -15.92 -3.70
CA ALA A 277 -7.91 -16.66 -3.50
C ALA A 277 -9.13 -15.75 -3.41
N ASP A 278 -8.96 -14.49 -3.03
CA ASP A 278 -10.08 -13.57 -3.05
C ASP A 278 -10.53 -13.22 -4.46
N THR A 279 -9.75 -13.57 -5.48
CA THR A 279 -10.28 -13.40 -6.83
C THR A 279 -11.23 -14.53 -7.22
N ASP A 280 -11.21 -15.66 -6.50
CA ASP A 280 -12.01 -16.82 -6.90
C ASP A 280 -13.49 -16.45 -7.02
N LYS A 281 -14.04 -15.78 -5.99
CA LYS A 281 -15.47 -15.52 -6.06
C LYS A 281 -15.80 -14.59 -7.23
N ILE A 282 -14.87 -13.71 -7.59
CA ILE A 282 -15.07 -12.80 -8.69
C ILE A 282 -15.09 -13.56 -10.01
N ILE A 283 -14.06 -14.38 -10.23
CA ILE A 283 -13.94 -15.20 -11.43
C ILE A 283 -15.15 -16.11 -11.58
N ILE A 284 -15.59 -16.73 -10.49
CA ILE A 284 -16.73 -17.65 -10.56
C ILE A 284 -17.97 -16.89 -10.98
N SER A 285 -18.17 -15.71 -10.41
CA SER A 285 -19.30 -14.88 -10.80
C SER A 285 -19.23 -14.53 -12.29
N ILE A 286 -18.06 -14.05 -12.74
CA ILE A 286 -17.93 -13.62 -14.13
C ILE A 286 -18.23 -14.78 -15.09
N PHE A 287 -17.68 -15.96 -14.81
CA PHE A 287 -17.79 -17.06 -15.75
C PHE A 287 -18.96 -17.99 -15.45
N ASN A 288 -19.82 -17.60 -14.52
CA ASN A 288 -21.18 -18.13 -14.38
C ASN A 288 -22.22 -17.27 -15.11
N GLN A 289 -21.86 -16.05 -15.53
CA GLN A 289 -22.83 -15.10 -16.06
C GLN A 289 -23.34 -15.57 -17.41
N GLN A 290 -24.65 -15.73 -17.54
CA GLN A 290 -25.25 -16.16 -18.80
C GLN A 290 -25.42 -14.97 -19.75
N PRO A 291 -25.27 -15.19 -21.07
CA PRO A 291 -24.91 -16.43 -21.78
C PRO A 291 -23.40 -16.61 -21.91
N ILE A 292 -22.97 -17.87 -22.07
CA ILE A 292 -21.55 -18.20 -22.17
C ILE A 292 -20.87 -17.38 -23.25
N GLU A 293 -21.53 -17.24 -24.41
CA GLU A 293 -20.89 -16.58 -25.56
C GLU A 293 -20.59 -15.11 -25.31
N GLU A 294 -21.24 -14.49 -24.33
CA GLU A 294 -20.96 -13.08 -24.09
C GLU A 294 -19.94 -12.85 -22.98
N GLN A 295 -19.43 -13.92 -22.38
CA GLN A 295 -18.37 -13.85 -21.37
C GLN A 295 -17.04 -13.47 -22.03
N PRO A 296 -16.01 -13.12 -21.23
CA PRO A 296 -14.68 -12.89 -21.81
C PRO A 296 -14.13 -14.13 -22.50
N ILE A 297 -13.23 -13.89 -23.46
CA ILE A 297 -12.42 -14.96 -24.03
C ILE A 297 -10.98 -14.88 -23.52
N TYR A 298 -10.45 -13.67 -23.36
CA TYR A 298 -9.06 -13.47 -23.00
C TYR A 298 -8.98 -12.88 -21.60
N ILE A 299 -8.06 -13.40 -20.81
CA ILE A 299 -7.80 -12.87 -19.47
C ILE A 299 -6.35 -12.41 -19.49
N VAL A 300 -6.13 -11.10 -19.39
CA VAL A 300 -4.84 -10.49 -19.72
C VAL A 300 -4.25 -9.88 -18.44
N ASP A 301 -3.13 -10.42 -17.97
CA ASP A 301 -2.53 -10.03 -16.70
C ASP A 301 -1.32 -9.15 -17.00
N MET A 302 -1.41 -7.88 -16.64
CA MET A 302 -0.30 -6.95 -16.79
C MET A 302 0.63 -7.07 -15.58
N GLY A 303 1.87 -7.49 -15.85
CA GLY A 303 2.87 -7.73 -14.83
C GLY A 303 2.74 -9.13 -14.27
N CYS A 304 2.64 -10.12 -15.16
CA CYS A 304 2.23 -11.46 -14.77
C CYS A 304 3.27 -12.19 -13.94
N GLY A 305 4.55 -11.82 -14.04
CA GLY A 305 5.56 -12.44 -13.17
C GLY A 305 5.86 -13.88 -13.53
N ASP A 306 5.52 -14.81 -12.64
CA ASP A 306 5.65 -16.23 -12.97
C ASP A 306 4.34 -16.85 -13.42
N GLY A 307 3.27 -16.05 -13.54
CA GLY A 307 1.99 -16.54 -14.02
C GLY A 307 1.15 -17.23 -12.98
N THR A 308 1.48 -17.09 -11.70
CA THR A 308 0.76 -17.80 -10.64
C THR A 308 -0.73 -17.46 -10.67
N LEU A 309 -1.05 -16.16 -10.78
CA LEU A 309 -2.45 -15.73 -10.77
C LEU A 309 -3.19 -16.25 -12.00
N LEU A 310 -2.61 -16.10 -13.20
CA LEU A 310 -3.26 -16.65 -14.40
C LEU A 310 -3.53 -18.13 -14.26
N LYS A 311 -2.58 -18.87 -13.71
CA LYS A 311 -2.76 -20.31 -13.56
C LYS A 311 -3.91 -20.60 -12.62
N ARG A 312 -3.99 -19.87 -11.52
CA ARG A 312 -5.05 -20.09 -10.54
C ARG A 312 -6.40 -19.80 -11.17
N ILE A 313 -6.52 -18.67 -11.87
CA ILE A 313 -7.80 -18.26 -12.43
C ILE A 313 -8.30 -19.32 -13.41
N TYR A 314 -7.42 -19.84 -14.26
CA TYR A 314 -7.85 -20.84 -15.23
C TYR A 314 -8.38 -22.09 -14.53
N LYS A 315 -7.68 -22.55 -13.48
CA LYS A 315 -8.13 -23.72 -12.76
C LYS A 315 -9.47 -23.47 -12.07
N ILE A 316 -9.66 -22.27 -11.52
CA ILE A 316 -10.95 -21.94 -10.89
C ILE A 316 -12.08 -21.97 -11.92
N ILE A 317 -11.86 -21.32 -13.08
CA ILE A 317 -12.84 -21.37 -14.16
C ILE A 317 -13.20 -22.81 -14.49
N LYS A 318 -12.18 -23.64 -14.66
CA LYS A 318 -12.38 -25.01 -15.12
C LYS A 318 -13.17 -25.82 -14.12
N GLN A 319 -12.90 -25.65 -12.82
CA GLN A 319 -13.50 -26.49 -11.79
C GLN A 319 -14.84 -25.97 -11.26
N PHE A 320 -15.02 -24.65 -11.21
CA PHE A 320 -16.10 -24.06 -10.42
C PHE A 320 -17.02 -23.12 -11.19
N SER A 321 -16.87 -22.96 -12.50
CA SER A 321 -17.77 -22.07 -13.23
C SER A 321 -18.49 -22.84 -14.33
N ALA A 322 -19.64 -22.29 -14.75
CA ALA A 322 -20.35 -22.82 -15.90
C ALA A 322 -19.47 -22.83 -17.14
N ARG A 323 -18.64 -21.78 -17.31
CA ARG A 323 -17.72 -21.72 -18.44
C ARG A 323 -16.81 -22.94 -18.48
N GLY A 324 -16.38 -23.41 -17.30
CA GLY A 324 -15.46 -24.51 -17.23
C GLY A 324 -16.00 -25.83 -17.76
N LYS A 325 -17.32 -25.95 -17.88
CA LYS A 325 -17.89 -27.17 -18.42
C LYS A 325 -17.88 -27.19 -19.95
N VAL A 326 -17.66 -26.06 -20.62
CA VAL A 326 -17.82 -25.96 -22.07
C VAL A 326 -16.60 -25.31 -22.72
N LEU A 327 -15.41 -25.50 -22.14
CA LEU A 327 -14.20 -24.93 -22.75
C LEU A 327 -13.92 -25.51 -24.14
N THR A 328 -14.39 -26.73 -24.42
CA THR A 328 -14.19 -27.32 -25.76
C THR A 328 -14.79 -26.43 -26.84
N GLU A 329 -16.01 -25.93 -26.59
CA GLU A 329 -16.75 -25.08 -27.52
C GLU A 329 -16.44 -23.60 -27.38
N TYR A 330 -16.08 -23.14 -26.18
CA TYR A 330 -15.82 -21.72 -25.91
C TYR A 330 -14.52 -21.63 -25.14
N PRO A 331 -13.38 -21.75 -25.83
CA PRO A 331 -12.10 -21.75 -25.13
C PRO A 331 -11.83 -20.44 -24.42
N ILE A 332 -11.05 -20.54 -23.33
CA ILE A 332 -10.46 -19.41 -22.62
C ILE A 332 -8.98 -19.34 -22.98
N ILE A 333 -8.48 -18.13 -23.24
CA ILE A 333 -7.07 -17.92 -23.54
C ILE A 333 -6.50 -16.98 -22.48
N MET A 334 -5.49 -17.45 -21.74
CA MET A 334 -4.81 -16.66 -20.72
C MET A 334 -3.63 -15.90 -21.34
N VAL A 335 -3.48 -14.62 -21.01
CA VAL A 335 -2.46 -13.81 -21.65
C VAL A 335 -1.60 -13.18 -20.55
N GLY A 336 -0.31 -13.48 -20.56
CA GLY A 336 0.64 -12.91 -19.62
C GLY A 336 1.43 -11.80 -20.27
N VAL A 337 1.41 -10.62 -19.64
CA VAL A 337 2.12 -9.45 -20.13
C VAL A 337 3.15 -9.01 -19.08
N ASP A 338 4.37 -8.72 -19.52
CA ASP A 338 5.41 -8.30 -18.58
C ASP A 338 6.48 -7.55 -19.37
N TYR A 339 7.15 -6.57 -18.72
CA TYR A 339 8.21 -5.88 -19.45
C TYR A 339 9.53 -6.61 -19.35
N ASN A 340 9.57 -7.79 -18.75
CA ASN A 340 10.80 -8.52 -18.54
C ASN A 340 10.70 -9.87 -19.22
N GLN A 341 11.64 -10.15 -20.11
CA GLN A 341 11.55 -11.33 -20.97
C GLN A 341 11.67 -12.62 -20.16
N GLU A 342 12.50 -12.62 -19.12
CA GLU A 342 12.63 -13.81 -18.28
C GLU A 342 11.32 -14.17 -17.61
N ALA A 343 10.53 -13.17 -17.23
CA ALA A 343 9.22 -13.44 -16.65
C ALA A 343 8.28 -14.07 -17.68
N LEU A 344 8.35 -13.62 -18.93
CA LEU A 344 7.53 -14.23 -19.97
C LEU A 344 7.90 -15.69 -20.16
N ASP A 345 9.20 -16.00 -20.11
CA ASP A 345 9.63 -17.39 -20.27
C ASP A 345 9.14 -18.26 -19.12
N VAL A 346 9.30 -17.79 -17.87
CA VAL A 346 8.85 -18.56 -16.72
C VAL A 346 7.33 -18.74 -16.78
N THR A 347 6.60 -17.66 -17.12
CA THR A 347 5.14 -17.76 -17.23
C THR A 347 4.73 -18.73 -18.34
N ASP A 348 5.44 -18.68 -19.47
CA ASP A 348 5.15 -19.61 -20.57
C ASP A 348 5.25 -21.07 -20.09
N LYS A 349 6.30 -21.39 -19.34
CA LYS A 349 6.49 -22.74 -18.82
C LYS A 349 5.45 -23.09 -17.78
N ASN A 350 5.15 -22.16 -16.88
CA ASN A 350 4.18 -22.41 -15.83
C ASN A 350 2.78 -22.61 -16.36
N LEU A 351 2.46 -22.05 -17.53
CA LEU A 351 1.14 -22.18 -18.13
C LEU A 351 1.07 -23.31 -19.15
N VAL A 352 1.95 -24.30 -19.03
CA VAL A 352 1.87 -25.46 -19.90
C VAL A 352 0.48 -26.10 -19.72
N ASP A 353 -0.03 -26.68 -20.81
CA ASP A 353 -1.35 -27.30 -20.88
C ASP A 353 -2.51 -26.33 -20.67
N ILE A 354 -2.25 -25.02 -20.67
CA ILE A 354 -3.29 -24.00 -20.65
C ILE A 354 -3.17 -23.17 -21.92
N PRO A 355 -4.23 -22.96 -22.68
CA PRO A 355 -4.10 -22.11 -23.88
C PRO A 355 -3.70 -20.71 -23.46
N HIS A 356 -2.55 -20.25 -23.96
CA HIS A 356 -2.04 -18.99 -23.45
C HIS A 356 -1.18 -18.29 -24.49
N LEU A 357 -0.87 -17.03 -24.18
CA LEU A 357 -0.02 -16.17 -24.99
C LEU A 357 0.81 -15.34 -24.03
N VAL A 358 2.09 -15.10 -24.35
CA VAL A 358 2.93 -14.20 -23.57
C VAL A 358 3.43 -13.08 -24.47
N ILE A 359 3.26 -11.83 -24.04
CA ILE A 359 3.68 -10.69 -24.87
C ILE A 359 4.33 -9.64 -23.99
N PRO A 360 5.24 -8.86 -24.57
CA PRO A 360 5.85 -7.75 -23.81
C PRO A 360 4.86 -6.61 -23.61
N GLY A 361 5.05 -5.90 -22.50
CA GLY A 361 4.17 -4.77 -22.19
C GLY A 361 4.59 -4.12 -20.89
N ASP A 362 3.99 -2.96 -20.63
CA ASP A 362 4.36 -2.13 -19.49
C ASP A 362 3.09 -1.57 -18.88
N ILE A 363 3.03 -1.58 -17.54
CA ILE A 363 1.87 -1.08 -16.79
C ILE A 363 1.57 0.36 -17.17
N GLY A 364 2.58 1.10 -17.60
CA GLY A 364 2.36 2.48 -17.98
C GLY A 364 1.85 2.70 -19.37
N ALA A 365 1.69 1.67 -20.19
CA ALA A 365 1.38 1.83 -21.61
C ALA A 365 0.23 0.92 -22.03
N PRO A 366 -0.99 1.17 -21.53
CA PRO A 366 -2.12 0.36 -22.00
C PRO A 366 -2.42 0.55 -23.48
N GLU A 367 -2.17 1.73 -24.04
CA GLU A 367 -2.42 1.92 -25.46
C GLU A 367 -1.51 1.04 -26.33
N LYS A 368 -0.26 0.82 -25.90
CA LYS A 368 0.59 -0.12 -26.62
C LYS A 368 0.08 -1.55 -26.46
N LEU A 369 -0.36 -1.91 -25.25
CA LEU A 369 -0.96 -3.22 -25.04
C LEU A 369 -2.12 -3.45 -26.00
N LEU A 370 -3.05 -2.51 -26.06
CA LEU A 370 -4.20 -2.64 -26.96
C LEU A 370 -3.76 -2.82 -28.40
N GLU A 371 -2.74 -2.06 -28.81
CA GLU A 371 -2.23 -2.17 -30.18
C GLU A 371 -1.63 -3.55 -30.44
N GLN A 372 -0.84 -4.07 -29.50
CA GLN A 372 -0.28 -5.41 -29.65
C GLN A 372 -1.38 -6.48 -29.68
N LEU A 373 -2.40 -6.34 -28.84
CA LEU A 373 -3.50 -7.30 -28.85
C LEU A 373 -4.19 -7.32 -30.22
N LYS A 374 -4.51 -6.15 -30.77
CA LYS A 374 -5.10 -6.09 -32.11
C LYS A 374 -4.18 -6.72 -33.14
N ALA A 375 -2.86 -6.54 -32.99
CA ALA A 375 -1.92 -7.13 -33.92
C ALA A 375 -2.03 -8.65 -33.95
N GLN A 376 -2.32 -9.25 -32.80
CA GLN A 376 -2.54 -10.69 -32.64
C GLN A 376 -3.92 -11.13 -33.12
N GLY A 377 -4.73 -10.22 -33.68
CA GLY A 377 -6.10 -10.56 -34.02
C GLY A 377 -7.02 -10.70 -32.83
N ILE A 378 -6.62 -10.25 -31.66
CA ILE A 378 -7.43 -10.38 -30.45
C ILE A 378 -8.49 -9.29 -30.47
N GLU A 379 -9.74 -9.69 -30.29
CA GLU A 379 -10.86 -8.76 -30.24
C GLU A 379 -10.85 -8.00 -28.93
N PRO A 380 -10.55 -6.71 -28.92
CA PRO A 380 -10.37 -6.00 -27.64
C PRO A 380 -11.57 -6.08 -26.71
N GLU A 381 -12.79 -6.04 -27.27
CA GLU A 381 -13.97 -6.09 -26.43
C GLU A 381 -14.18 -7.46 -25.79
N LYS A 382 -13.36 -8.45 -26.11
CA LYS A 382 -13.49 -9.77 -25.48
C LYS A 382 -12.47 -9.98 -24.35
N VAL A 383 -11.84 -8.90 -23.86
CA VAL A 383 -10.76 -9.01 -22.91
C VAL A 383 -11.26 -8.63 -21.51
N LEU A 384 -10.93 -9.48 -20.54
CA LEU A 384 -10.93 -9.12 -19.13
C LEU A 384 -9.49 -8.78 -18.75
N HIS A 385 -9.25 -7.54 -18.35
CA HIS A 385 -7.93 -7.13 -17.88
C HIS A 385 -7.84 -7.38 -16.38
N ILE A 386 -6.66 -7.84 -15.95
CA ILE A 386 -6.40 -8.12 -14.55
C ILE A 386 -4.98 -7.69 -14.21
N ARG A 387 -4.74 -7.45 -12.92
CA ARG A 387 -3.39 -7.27 -12.40
C ARG A 387 -3.41 -7.29 -10.88
N SER A 388 -2.24 -7.53 -10.30
CA SER A 388 -2.09 -7.55 -8.84
C SER A 388 -0.83 -6.80 -8.44
N PHE A 389 -1.02 -5.77 -7.63
CA PHE A 389 0.06 -5.12 -6.89
C PHE A 389 1.10 -4.51 -7.80
N LEU A 390 0.65 -3.78 -8.81
CA LEU A 390 1.61 -3.20 -9.75
C LEU A 390 1.43 -1.70 -9.96
N ASP A 391 0.22 -1.15 -9.75
CA ASP A 391 0.05 0.25 -10.07
C ASP A 391 1.00 1.13 -9.25
N HIS A 392 1.25 0.77 -8.00
CA HIS A 392 2.12 1.56 -7.13
C HIS A 392 3.58 1.45 -7.52
N ASP A 393 3.94 0.48 -8.36
CA ASP A 393 5.32 0.30 -8.79
C ASP A 393 5.52 0.68 -10.26
N ARG A 394 4.59 1.45 -10.83
CA ARG A 394 4.74 1.89 -12.20
C ARG A 394 5.88 2.91 -12.28
N PRO A 395 6.47 3.08 -13.46
CA PRO A 395 7.39 4.21 -13.65
C PRO A 395 6.60 5.51 -13.56
N PHE A 396 7.04 6.40 -12.67
CA PHE A 396 6.27 7.61 -12.41
C PHE A 396 6.26 8.49 -13.64
N ILE A 397 5.06 8.87 -14.12
CA ILE A 397 4.92 9.87 -15.17
C ILE A 397 4.33 11.14 -14.58
N ALA A 398 4.99 12.26 -14.85
CA ALA A 398 4.56 13.54 -14.28
C ALA A 398 3.20 13.93 -14.89
N PRO A 399 2.39 14.68 -14.15
CA PRO A 399 1.07 15.10 -14.66
C PRO A 399 1.21 16.01 -15.87
N LYS A 400 0.37 15.79 -16.87
CA LYS A 400 0.29 16.68 -18.02
C LYS A 400 -0.84 17.69 -17.93
N ASN A 401 -1.86 17.43 -17.10
N ASN A 401 -1.88 17.43 -17.14
CA ASN A 401 -2.97 18.37 -16.92
CA ASN A 401 -2.96 18.39 -16.94
C ASN A 401 -2.61 19.33 -15.78
C ASN A 401 -2.55 19.30 -15.79
N THR A 402 -1.87 20.39 -16.14
CA THR A 402 -1.38 21.31 -15.12
C THR A 402 -2.50 22.09 -14.43
N GLU A 403 -3.61 22.34 -15.12
CA GLU A 403 -4.70 23.11 -14.53
C GLU A 403 -5.43 22.29 -13.47
N ILE A 404 -5.75 21.04 -13.79
CA ILE A 404 -6.45 20.18 -12.82
C ILE A 404 -5.55 19.86 -11.64
N ALA A 405 -4.24 19.74 -11.87
CA ALA A 405 -3.32 19.55 -10.77
C ALA A 405 -3.37 20.73 -9.80
N GLN A 406 -3.48 21.95 -10.33
CA GLN A 406 -3.50 23.15 -9.49
C GLN A 406 -4.75 23.21 -8.62
N ALA A 407 -5.92 22.92 -9.20
CA ALA A 407 -7.13 22.74 -8.41
C ALA A 407 -6.88 21.80 -7.25
N ARG A 408 -6.21 20.69 -7.52
CA ARG A 408 -5.98 19.64 -6.54
C ARG A 408 -5.14 20.10 -5.37
N SER A 409 -4.29 21.11 -5.55
CA SER A 409 -3.27 21.47 -4.55
C SER A 409 -3.87 22.05 -3.29
N GLN A 410 -5.15 22.39 -3.29
CA GLN A 410 -5.75 22.88 -2.06
C GLN A 410 -6.24 21.75 -1.17
N LEU A 411 -6.32 20.53 -1.71
CA LEU A 411 -6.78 19.40 -0.93
C LEU A 411 -5.67 18.94 0.01
N ASP A 412 -6.06 18.24 1.07
CA ASP A 412 -5.14 17.91 2.16
C ASP A 412 -4.59 16.49 2.01
N TYR A 413 -4.07 16.14 0.82
CA TYR A 413 -3.54 14.80 0.63
C TYR A 413 -2.29 14.59 1.46
N GLN A 414 -2.09 13.35 1.91
CA GLN A 414 -0.91 13.00 2.70
C GLN A 414 -0.02 11.98 2.00
N VAL A 415 -0.14 11.84 0.68
CA VAL A 415 0.71 10.92 -0.06
C VAL A 415 2.15 11.40 -0.04
N VAL A 416 3.08 10.51 0.36
CA VAL A 416 4.50 10.81 0.31
C VAL A 416 5.13 10.08 -0.88
N ASP A 417 5.83 10.83 -1.72
CA ASP A 417 6.41 10.29 -2.96
C ASP A 417 7.70 11.06 -3.22
N VAL A 418 8.73 10.37 -3.70
CA VAL A 418 10.09 10.85 -3.78
C VAL A 418 10.62 10.65 -5.19
N ASP A 419 11.24 11.69 -5.78
CA ASP A 419 11.73 11.58 -7.15
C ASP A 419 13.18 11.10 -7.18
N ARG A 420 13.72 10.96 -8.40
CA ARG A 420 15.07 10.45 -8.61
C ARG A 420 16.17 11.34 -8.03
N GLU A 421 15.87 12.61 -7.77
CA GLU A 421 16.81 13.49 -7.10
C GLU A 421 16.66 13.43 -5.58
N GLY A 422 15.76 12.60 -5.08
CA GLY A 422 15.48 12.56 -3.67
C GLY A 422 14.61 13.69 -3.18
N LYS A 423 14.02 14.47 -4.08
CA LYS A 423 13.17 15.60 -3.73
C LYS A 423 11.73 15.12 -3.52
N LEU A 424 11.02 15.78 -2.61
CA LEU A 424 9.64 15.45 -2.32
C LEU A 424 8.75 15.86 -3.49
N ILE A 425 7.95 14.93 -4.00
CA ILE A 425 6.92 15.24 -4.98
C ILE A 425 5.69 15.70 -4.21
N PRO A 426 5.17 16.90 -4.46
CA PRO A 426 3.99 17.39 -3.71
C PRO A 426 2.85 16.38 -3.78
N PRO A 427 2.16 16.14 -2.67
CA PRO A 427 1.07 15.13 -2.67
C PRO A 427 0.07 15.30 -3.81
N HIS A 428 -0.36 16.53 -4.12
CA HIS A 428 -1.36 16.69 -5.18
C HIS A 428 -0.79 16.31 -6.54
N ILE A 429 0.52 16.44 -6.74
CA ILE A 429 1.16 16.03 -7.99
C ILE A 429 1.21 14.50 -8.09
N ALA A 430 1.57 13.83 -7.00
CA ALA A 430 1.53 12.37 -6.98
C ALA A 430 0.12 11.85 -7.24
N VAL A 431 -0.90 12.51 -6.68
CA VAL A 431 -2.28 12.08 -6.93
C VAL A 431 -2.67 12.31 -8.39
N GLN A 432 -2.35 13.49 -8.94
CA GLN A 432 -2.70 13.75 -10.33
C GLN A 432 -2.02 12.75 -11.25
N SER A 433 -0.78 12.36 -10.92
CA SER A 433 -0.10 11.32 -11.69
C SER A 433 -0.89 10.02 -11.70
N LEU A 434 -1.38 9.59 -10.53
CA LEU A 434 -2.16 8.34 -10.47
C LEU A 434 -3.46 8.48 -11.26
N VAL A 435 -4.12 9.63 -11.16
CA VAL A 435 -5.36 9.84 -11.90
C VAL A 435 -5.11 9.72 -13.41
N GLU A 436 -4.09 10.40 -13.92
CA GLU A 436 -3.84 10.33 -15.36
C GLU A 436 -3.44 8.93 -15.81
N HIS A 437 -2.72 8.21 -14.96
CA HIS A 437 -2.37 6.82 -15.25
C HIS A 437 -3.62 5.94 -15.35
N LEU A 438 -4.54 6.08 -14.39
CA LEU A 438 -5.78 5.30 -14.45
C LEU A 438 -6.66 5.73 -15.62
N GLU A 439 -6.61 7.01 -15.98
CA GLU A 439 -7.35 7.48 -17.15
C GLU A 439 -6.92 6.74 -18.41
N ARG A 440 -5.61 6.53 -18.60
CA ARG A 440 -5.14 5.79 -19.77
C ARG A 440 -5.66 4.37 -19.76
N TRP A 441 -5.75 3.77 -18.57
CA TRP A 441 -6.33 2.44 -18.48
C TRP A 441 -7.84 2.49 -18.71
N SER A 442 -8.51 3.47 -18.10
CA SER A 442 -9.95 3.60 -18.26
C SER A 442 -10.37 3.65 -19.73
N SER A 443 -9.55 4.28 -20.58
CA SER A 443 -9.91 4.42 -21.99
C SER A 443 -9.85 3.10 -22.77
N ILE A 444 -9.31 2.01 -22.21
CA ILE A 444 -9.34 0.73 -22.90
C ILE A 444 -10.18 -0.32 -22.18
N ILE A 445 -10.62 -0.07 -20.95
CA ILE A 445 -11.35 -1.09 -20.21
C ILE A 445 -12.69 -1.37 -20.89
N THR A 446 -13.04 -2.65 -21.01
CA THR A 446 -14.23 -3.08 -21.71
C THR A 446 -15.40 -3.28 -20.75
N ARG A 447 -16.52 -3.75 -21.29
CA ARG A 447 -17.65 -4.18 -20.47
C ARG A 447 -17.22 -5.21 -19.44
N HIS A 448 -16.15 -5.97 -19.70
CA HIS A 448 -15.73 -6.98 -18.74
C HIS A 448 -14.99 -6.42 -17.53
N GLY A 449 -14.52 -5.19 -17.59
CA GLY A 449 -13.96 -4.54 -16.40
C GLY A 449 -12.49 -4.87 -16.16
N LEU A 450 -12.06 -4.58 -14.93
CA LEU A 450 -10.63 -4.61 -14.59
C LEU A 450 -10.48 -5.20 -13.21
N LEU A 451 -9.93 -6.42 -13.14
CA LEU A 451 -9.65 -7.05 -11.85
C LEU A 451 -8.30 -6.53 -11.35
N LEU A 452 -8.29 -5.88 -10.19
CA LEU A 452 -7.13 -5.10 -9.76
C LEU A 452 -6.95 -5.26 -8.26
N LEU A 453 -5.80 -5.79 -7.86
CA LEU A 453 -5.41 -5.87 -6.46
C LEU A 453 -4.30 -4.87 -6.22
N GLU A 454 -4.36 -4.17 -5.09
CA GLU A 454 -3.37 -3.13 -4.83
C GLU A 454 -3.10 -3.06 -3.33
N VAL A 455 -1.90 -2.60 -2.98
CA VAL A 455 -1.49 -2.37 -1.61
C VAL A 455 -1.43 -0.85 -1.38
N HIS A 456 -1.68 -0.43 -0.13
CA HIS A 456 -1.89 0.99 0.15
C HIS A 456 -1.13 1.41 1.41
N SER A 457 -0.74 2.69 1.44
CA SER A 457 -0.12 3.29 2.61
C SER A 457 -1.19 3.87 3.53
N LEU A 458 -0.76 4.21 4.75
CA LEU A 458 -1.61 4.81 5.76
C LEU A 458 -1.06 6.18 6.15
N THR A 459 -1.89 6.95 6.86
CA THR A 459 -1.46 8.22 7.41
C THR A 459 -0.74 8.01 8.74
N PRO A 460 0.13 8.94 9.13
CA PRO A 460 0.86 8.75 10.40
C PRO A 460 -0.05 8.73 11.61
N ALA A 461 -1.15 9.50 11.61
CA ALA A 461 -2.09 9.45 12.73
C ALA A 461 -2.60 8.02 12.95
N VAL A 462 -2.91 7.32 11.86
CA VAL A 462 -3.42 5.95 11.96
C VAL A 462 -2.28 4.97 12.22
N VAL A 463 -1.11 5.15 11.59
CA VAL A 463 0.01 4.25 11.86
C VAL A 463 0.37 4.28 13.34
N LYS A 464 0.47 5.49 13.90
CA LYS A 464 0.72 5.66 15.34
C LYS A 464 -0.27 4.87 16.17
N LYS A 465 -1.54 4.86 15.77
CA LYS A 465 -2.59 4.28 16.59
C LYS A 465 -2.62 2.75 16.51
N TYR A 466 -2.10 2.16 15.43
CA TYR A 466 -2.15 0.72 15.20
C TYR A 466 -0.77 0.17 14.89
N ILE A 467 0.22 0.58 15.70
CA ILE A 467 1.61 0.27 15.38
C ILE A 467 1.89 -1.22 15.54
N ASP A 468 1.38 -1.84 16.61
CA ASP A 468 1.58 -3.27 16.80
C ASP A 468 0.80 -4.13 15.81
N GLU A 469 -0.36 -3.66 15.35
CA GLU A 469 -1.27 -4.50 14.58
C GLU A 469 -1.05 -4.44 13.07
N SER A 470 -0.22 -3.53 12.59
CA SER A 470 -0.14 -3.26 11.16
C SER A 470 1.30 -3.14 10.71
N GLU A 471 1.53 -3.48 9.44
CA GLU A 471 2.84 -3.49 8.81
C GLU A 471 3.29 -2.12 8.29
N SER A 472 2.41 -1.12 8.34
CA SER A 472 2.60 0.10 7.57
C SER A 472 3.88 0.84 7.94
N LEU A 473 4.23 0.90 9.22
CA LEU A 473 5.42 1.64 9.63
C LEU A 473 6.64 1.29 8.77
N HIS A 474 6.94 -0.01 8.62
CA HIS A 474 8.09 -0.34 7.80
C HIS A 474 7.74 -0.40 6.33
N PHE A 475 6.55 -0.90 5.97
CA PHE A 475 6.21 -1.12 4.58
C PHE A 475 6.08 0.20 3.81
N ASP A 476 5.38 1.18 4.39
CA ASP A 476 5.25 2.48 3.73
C ASP A 476 6.60 3.16 3.59
N ALA A 477 7.44 3.03 4.62
CA ALA A 477 8.76 3.66 4.60
C ALA A 477 9.64 3.08 3.49
N TYR A 478 9.78 1.76 3.42
CA TYR A 478 10.69 1.27 2.39
C TYR A 478 10.09 1.41 1.00
N HIS A 479 8.77 1.52 0.88
CA HIS A 479 8.18 1.83 -0.42
C HIS A 479 8.51 3.25 -0.86
N ALA A 480 8.33 4.23 0.04
CA ALA A 480 8.61 5.61 -0.35
C ALA A 480 10.10 5.83 -0.60
N PHE A 481 10.95 5.26 0.26
CA PHE A 481 12.40 5.35 0.08
C PHE A 481 12.84 4.82 -1.28
N SER A 482 12.27 3.68 -1.72
CA SER A 482 12.65 3.10 -3.01
C SER A 482 11.88 3.71 -4.18
N MET A 483 11.27 4.88 -3.97
CA MET A 483 10.63 5.65 -5.03
C MET A 483 9.46 4.89 -5.65
N GLN A 484 8.76 4.10 -4.85
CA GLN A 484 7.48 3.55 -5.24
C GLN A 484 6.37 4.54 -4.86
N HIS A 485 5.13 4.22 -5.26
CA HIS A 485 4.07 5.22 -5.32
C HIS A 485 2.80 4.72 -4.63
N LEU A 486 2.92 4.35 -3.36
CA LEU A 486 1.72 4.00 -2.62
C LEU A 486 0.86 5.25 -2.40
N VAL A 487 -0.44 5.03 -2.30
CA VAL A 487 -1.38 6.05 -1.82
C VAL A 487 -2.30 5.37 -0.82
N GLU A 488 -3.02 6.19 -0.06
CA GLU A 488 -4.00 5.64 0.85
C GLU A 488 -5.14 5.04 0.06
N ALA A 489 -5.84 4.09 0.68
CA ALA A 489 -6.84 3.33 -0.08
C ALA A 489 -7.96 4.22 -0.59
N ASP A 490 -8.39 5.21 0.21
CA ASP A 490 -9.46 6.10 -0.24
C ASP A 490 -9.00 6.94 -1.42
N VAL A 491 -7.74 7.39 -1.40
CA VAL A 491 -7.19 8.15 -2.52
C VAL A 491 -7.22 7.32 -3.79
N PHE A 492 -6.90 6.02 -3.67
CA PHE A 492 -6.86 5.17 -4.86
C PHE A 492 -8.26 5.00 -5.44
N LEU A 493 -9.25 4.75 -4.57
CA LEU A 493 -10.62 4.60 -5.03
C LEU A 493 -11.14 5.90 -5.63
N MET A 494 -10.75 7.05 -5.06
CA MET A 494 -11.12 8.34 -5.64
C MET A 494 -10.50 8.53 -7.02
N ALA A 495 -9.21 8.21 -7.17
CA ALA A 495 -8.53 8.39 -8.45
C ALA A 495 -9.23 7.59 -9.53
N ALA A 496 -9.62 6.35 -9.19
CA ALA A 496 -10.37 5.51 -10.11
C ALA A 496 -11.73 6.12 -10.42
N ALA A 497 -12.46 6.56 -9.40
CA ALA A 497 -13.78 7.17 -9.59
C ALA A 497 -13.72 8.41 -10.47
N GLU A 498 -12.63 9.18 -10.37
CA GLU A 498 -12.49 10.37 -11.19
C GLU A 498 -12.42 10.06 -12.68
N VAL A 499 -12.05 8.85 -13.04
CA VAL A 499 -11.93 8.46 -14.44
C VAL A 499 -12.98 7.41 -14.81
N GLY A 500 -14.02 7.27 -13.99
CA GLY A 500 -15.15 6.43 -14.33
C GLY A 500 -15.02 4.96 -13.98
N LEU A 501 -14.01 4.59 -13.19
CA LEU A 501 -13.80 3.21 -12.79
C LEU A 501 -14.31 3.04 -11.36
N PHE A 502 -15.25 2.11 -11.19
CA PHE A 502 -15.90 1.93 -9.89
C PHE A 502 -15.77 0.48 -9.46
N SER A 503 -15.37 0.28 -8.22
CA SER A 503 -15.09 -1.05 -7.69
C SER A 503 -16.40 -1.70 -7.28
N ARG A 504 -16.78 -2.77 -7.98
CA ARG A 504 -18.10 -3.36 -7.83
C ARG A 504 -18.29 -3.90 -6.42
N LYS A 505 -19.46 -3.64 -5.85
CA LYS A 505 -19.71 -3.94 -4.45
C LYS A 505 -19.57 -5.42 -4.15
N GLU A 506 -20.07 -6.27 -5.05
CA GLU A 506 -20.07 -7.71 -4.77
C GLU A 506 -18.69 -8.33 -4.92
N ALA A 507 -17.76 -7.64 -5.56
CA ALA A 507 -16.39 -8.16 -5.71
C ALA A 507 -15.44 -7.65 -4.65
N PHE A 508 -15.79 -6.55 -3.99
CA PHE A 508 -14.81 -5.79 -3.22
C PHE A 508 -14.41 -6.51 -1.94
N ARG A 509 -13.11 -6.40 -1.60
CA ARG A 509 -12.62 -6.88 -0.31
C ARG A 509 -11.48 -5.98 0.13
N LYS A 510 -11.39 -5.72 1.43
CA LYS A 510 -10.28 -4.94 1.98
C LYS A 510 -9.67 -5.63 3.19
N TYR A 511 -8.36 -5.45 3.37
CA TYR A 511 -7.63 -5.98 4.51
C TYR A 511 -6.82 -4.85 5.14
N PRO A 512 -6.61 -4.89 6.48
CA PRO A 512 -7.14 -5.86 7.45
C PRO A 512 -8.65 -5.76 7.59
N LYS A 513 -9.31 -6.91 7.76
CA LYS A 513 -10.77 -6.98 7.72
C LYS A 513 -11.42 -6.12 8.79
N THR A 514 -10.90 -6.19 10.02
CA THR A 514 -11.63 -5.68 11.18
C THR A 514 -10.95 -4.49 11.86
N LEU A 515 -9.86 -3.97 11.31
CA LEU A 515 -9.26 -2.77 11.88
C LEU A 515 -9.61 -1.55 11.01
N PRO A 516 -9.68 -0.37 11.59
CA PRO A 516 -10.08 0.81 10.81
C PRO A 516 -8.91 1.38 9.99
N LEU A 517 -8.39 0.55 9.08
CA LEU A 517 -7.32 0.92 8.16
C LEU A 517 -7.33 -0.10 7.03
N THR A 518 -6.89 0.33 5.84
CA THR A 518 -6.90 -0.54 4.66
C THR A 518 -5.51 -0.56 4.05
N ARG A 519 -4.85 -1.73 4.11
CA ARG A 519 -3.57 -1.90 3.41
C ARG A 519 -3.71 -2.61 2.07
N ILE A 520 -4.75 -3.38 1.87
CA ILE A 520 -4.92 -4.14 0.62
C ILE A 520 -6.37 -3.99 0.15
N THR A 521 -6.57 -3.71 -1.15
CA THR A 521 -7.89 -3.80 -1.75
C THR A 521 -7.87 -4.86 -2.86
N VAL A 522 -8.97 -5.59 -2.93
CA VAL A 522 -9.27 -6.51 -4.02
C VAL A 522 -10.48 -5.93 -4.74
N ASN A 523 -10.33 -5.59 -6.03
CA ASN A 523 -11.33 -4.83 -6.78
C ASN A 523 -11.68 -5.51 -8.10
N HIS A 524 -12.96 -5.45 -8.47
CA HIS A 524 -13.37 -5.65 -9.87
C HIS A 524 -13.94 -4.31 -10.31
N PHE A 525 -13.11 -3.51 -10.97
CA PHE A 525 -13.49 -2.20 -11.46
C PHE A 525 -14.33 -2.34 -12.72
N GLU A 526 -15.47 -1.66 -12.75
CA GLU A 526 -16.25 -1.55 -13.97
C GLU A 526 -16.26 -0.11 -14.45
N LYS A 527 -16.32 0.06 -15.76
CA LYS A 527 -16.33 1.37 -16.37
C LYS A 527 -17.77 1.86 -16.41
N ARG A 528 -18.02 3.06 -15.88
CA ARG A 528 -19.35 3.66 -15.91
C ARG A 528 -19.31 4.97 -16.67
N LYS A 529 -20.49 5.51 -16.98
CA LYS A 529 -20.56 6.67 -17.86
C LYS A 529 -20.29 7.97 -17.13
N TYR A 530 -20.28 7.96 -15.81
CA TYR A 530 -20.12 9.17 -15.02
C TYR A 530 -18.84 9.09 -14.22
N GLN A 531 -18.56 10.16 -13.48
CA GLN A 531 -17.38 10.23 -12.63
C GLN A 531 -17.79 10.76 -11.27
N ILE A 532 -17.05 10.36 -10.25
CA ILE A 532 -17.21 10.91 -8.90
C ILE A 532 -15.88 11.51 -8.49
N ARG A 533 -15.92 12.71 -7.90
CA ARG A 533 -14.75 13.42 -7.45
C ARG A 533 -15.09 14.16 -6.15
N TYR A 534 -14.07 14.74 -5.51
CA TYR A 534 -14.31 15.55 -4.31
C TYR A 534 -14.95 16.87 -4.69
N ALA A 535 -16.05 17.23 -4.00
CA ALA A 535 -16.57 18.57 -4.13
C ALA A 535 -15.55 19.57 -3.57
N THR A 536 -15.56 20.79 -4.13
CA THR A 536 -14.66 21.87 -3.72
C THR A 536 -15.45 23.14 -3.49
N VAL A 537 -14.76 24.17 -2.98
CA VAL A 537 -15.38 25.48 -2.82
C VAL A 537 -15.95 25.99 -4.14
N ASN A 538 -15.26 25.66 -5.24
CA ASN A 538 -15.69 26.11 -6.57
C ASN A 538 -17.06 25.56 -6.96
N ASP A 539 -17.50 24.47 -6.33
CA ASP A 539 -18.80 23.86 -6.62
C ASP A 539 -19.95 24.50 -5.86
N ILE A 540 -19.65 25.37 -4.88
CA ILE A 540 -20.72 25.90 -4.04
C ILE A 540 -21.84 26.56 -4.84
N PRO A 541 -21.57 27.41 -5.84
CA PRO A 541 -22.69 27.98 -6.62
C PRO A 541 -23.61 26.93 -7.21
N ASN A 542 -23.06 25.89 -7.82
CA ASN A 542 -23.88 24.80 -8.36
C ASN A 542 -24.61 24.06 -7.25
N LEU A 543 -23.94 23.85 -6.12
CA LEU A 543 -24.53 23.07 -5.04
C LEU A 543 -25.73 23.80 -4.44
N LEU A 544 -25.66 25.14 -4.36
CA LEU A 544 -26.75 25.92 -3.76
C LEU A 544 -28.07 25.72 -4.48
N LYS A 545 -28.03 25.39 -5.77
CA LYS A 545 -29.24 25.28 -6.57
C LYS A 545 -29.84 23.88 -6.58
N CYS A 546 -29.15 22.88 -6.06
CA CYS A 546 -29.66 21.51 -6.07
C CYS A 546 -30.87 21.35 -5.16
N ALA A 547 -31.72 20.40 -5.51
CA ALA A 547 -32.65 19.86 -4.52
C ALA A 547 -31.86 19.22 -3.39
N THR A 548 -32.43 19.25 -2.17
CA THR A 548 -31.66 18.93 -0.97
C THR A 548 -32.58 18.34 0.09
N PHE A 549 -32.10 17.29 0.76
CA PHE A 549 -32.95 16.64 1.75
C PHE A 549 -33.11 17.49 3.01
N ASN A 550 -32.02 18.04 3.52
CA ASN A 550 -32.13 19.01 4.58
C ASN A 550 -32.46 20.39 3.98
N PRO A 551 -33.00 21.31 4.77
CA PRO A 551 -33.32 22.65 4.22
C PRO A 551 -32.12 23.24 3.51
N PRO A 552 -32.34 24.08 2.49
CA PRO A 552 -31.22 24.58 1.67
C PRO A 552 -30.04 25.07 2.51
N VAL A 553 -28.85 24.51 2.24
CA VAL A 553 -27.65 24.85 2.97
C VAL A 553 -27.10 26.16 2.41
N ASN A 554 -26.64 27.04 3.28
CA ASN A 554 -26.12 28.28 2.76
C ASN A 554 -24.61 28.20 2.57
N GLU A 555 -24.05 29.23 1.93
CA GLU A 555 -22.63 29.19 1.61
C GLU A 555 -21.75 29.01 2.84
N PRO A 556 -21.94 29.74 3.95
CA PRO A 556 -21.00 29.60 5.06
C PRO A 556 -20.91 28.18 5.61
N PHE A 557 -22.03 27.45 5.64
CA PHE A 557 -21.95 26.08 6.16
C PHE A 557 -21.24 25.15 5.18
N PHE A 558 -21.44 25.34 3.87
CA PHE A 558 -20.62 24.62 2.90
C PHE A 558 -19.14 24.91 3.13
N GLN A 559 -18.80 26.18 3.38
CA GLN A 559 -17.40 26.55 3.59
C GLN A 559 -16.85 25.90 4.85
N VAL A 560 -17.64 25.89 5.92
CA VAL A 560 -17.24 25.22 7.15
C VAL A 560 -16.88 23.77 6.86
N LEU A 561 -17.77 23.06 6.14
CA LEU A 561 -17.57 21.64 5.90
C LEU A 561 -16.36 21.39 5.01
N LEU A 562 -16.22 22.16 3.93
CA LEU A 562 -15.10 22.00 3.03
C LEU A 562 -13.77 22.35 3.70
N LYS A 563 -13.78 23.34 4.60
CA LYS A 563 -12.54 23.71 5.27
C LYS A 563 -12.11 22.65 6.27
N GLN A 564 -13.05 22.11 7.06
CA GLN A 564 -12.63 21.20 8.11
C GLN A 564 -12.22 19.84 7.54
N THR A 565 -12.86 19.38 6.44
CA THR A 565 -12.46 18.13 5.78
C THR A 565 -12.48 18.28 4.26
N PRO A 566 -11.40 18.83 3.68
CA PRO A 566 -11.39 19.08 2.23
C PRO A 566 -11.50 17.82 1.36
N THR A 567 -11.20 16.64 1.90
CA THR A 567 -11.28 15.42 1.10
C THR A 567 -12.28 14.43 1.72
N ALA A 568 -13.52 14.90 1.93
CA ALA A 568 -14.55 14.05 2.53
C ALA A 568 -15.95 14.33 1.98
N HIS A 569 -16.08 15.10 0.91
CA HIS A 569 -17.39 15.43 0.32
C HIS A 569 -17.37 15.06 -1.16
N LEU A 570 -18.31 14.20 -1.56
CA LEU A 570 -18.27 13.52 -2.87
C LEU A 570 -19.34 14.05 -3.81
N LEU A 571 -19.01 14.20 -5.08
CA LEU A 571 -20.03 14.62 -6.03
C LEU A 571 -19.89 13.84 -7.33
N LEU A 572 -21.03 13.61 -7.95
CA LEU A 572 -21.16 12.81 -9.17
C LEU A 572 -21.50 13.73 -10.32
N GLU A 573 -20.70 13.64 -11.39
CA GLU A 573 -20.76 14.48 -12.58
C GLU A 573 -20.99 13.58 -13.79
N TYR A 574 -21.78 14.07 -14.74
CA TYR A 574 -22.00 13.36 -16.00
C TYR A 574 -22.00 14.38 -17.13
N GLN A 575 -21.05 14.22 -18.05
CA GLN A 575 -20.91 15.12 -19.20
C GLN A 575 -20.82 16.57 -18.73
N GLY A 576 -19.98 16.79 -17.72
CA GLY A 576 -19.73 18.10 -17.15
C GLY A 576 -20.84 18.65 -16.30
N GLU A 577 -21.88 17.87 -16.02
CA GLU A 577 -23.07 18.36 -15.34
C GLU A 577 -23.17 17.73 -13.96
N LEU A 578 -23.33 18.58 -12.95
CA LEU A 578 -23.54 18.09 -11.58
C LEU A 578 -24.84 17.28 -11.52
N VAL A 579 -24.76 16.08 -10.93
CA VAL A 579 -25.93 15.23 -10.75
C VAL A 579 -26.31 15.09 -9.28
N ALA A 580 -25.34 14.87 -8.40
CA ALA A 580 -25.63 14.66 -6.99
C ALA A 580 -24.36 14.89 -6.18
N ALA A 581 -24.54 15.11 -4.88
CA ALA A 581 -23.43 15.39 -3.97
C ALA A 581 -23.80 14.95 -2.56
N ILE A 582 -22.83 14.38 -1.87
CA ILE A 582 -23.01 13.99 -0.49
C ILE A 582 -21.92 14.63 0.33
N PHE A 583 -22.33 15.39 1.35
CA PHE A 583 -21.40 15.97 2.30
C PHE A 583 -21.41 15.17 3.60
N THR A 584 -20.27 15.16 4.28
CA THR A 584 -20.13 14.36 5.49
C THR A 584 -19.54 15.20 6.60
N GLU A 585 -19.58 14.62 7.80
CA GLU A 585 -18.89 15.13 8.98
C GLU A 585 -18.05 14.01 9.56
N THR A 586 -16.87 14.34 10.05
CA THR A 586 -15.97 13.36 10.67
C THR A 586 -15.76 13.75 12.12
N LYS A 587 -16.10 12.84 13.05
CA LYS A 587 -16.17 13.22 14.45
C LYS A 587 -15.61 12.12 15.34
N ASN A 588 -15.46 12.48 16.63
CA ASN A 588 -15.12 11.55 17.71
C ASN A 588 -13.74 10.95 17.52
N SER A 589 -12.69 11.73 17.77
CA SER A 589 -11.31 11.31 17.54
C SER A 589 -11.12 10.84 16.10
N ASN A 590 -11.91 11.40 15.19
CA ASN A 590 -11.91 11.07 13.77
C ASN A 590 -12.22 9.60 13.51
N GLU A 591 -13.06 9.01 14.36
CA GLU A 591 -13.43 7.60 14.22
C GLU A 591 -14.77 7.39 13.52
N VAL A 592 -15.62 8.41 13.46
CA VAL A 592 -16.98 8.26 12.95
C VAL A 592 -17.16 9.18 11.76
N LEU A 593 -17.55 8.60 10.63
CA LEU A 593 -17.97 9.34 9.46
C LEU A 593 -19.50 9.34 9.40
N GLY A 594 -20.10 10.51 9.20
CA GLY A 594 -21.54 10.62 9.13
C GLY A 594 -21.99 11.37 7.88
N ILE A 595 -23.07 10.87 7.27
CA ILE A 595 -23.67 11.60 6.16
C ILE A 595 -24.27 12.88 6.69
N ARG A 596 -24.00 14.00 6.02
CA ARG A 596 -24.44 15.30 6.52
C ARG A 596 -25.40 16.04 5.60
N GLU A 597 -25.25 15.91 4.28
CA GLU A 597 -26.13 16.56 3.33
C GLU A 597 -26.27 15.63 2.12
N PHE A 598 -27.42 15.72 1.45
CA PHE A 598 -27.66 14.94 0.23
C PHE A 598 -28.34 15.87 -0.77
N LEU A 599 -27.67 16.13 -1.89
CA LEU A 599 -28.11 17.04 -2.94
C LEU A 599 -28.27 16.27 -4.23
N VAL A 600 -29.33 16.58 -5.02
CA VAL A 600 -29.53 15.99 -6.34
C VAL A 600 -30.05 17.05 -7.31
N ARG A 601 -29.90 16.77 -8.60
CA ARG A 601 -30.52 17.57 -9.66
C ARG A 601 -31.44 16.64 -10.44
N THR A 602 -32.75 16.80 -10.25
CA THR A 602 -33.68 15.85 -10.82
C THR A 602 -33.96 16.10 -12.30
N SER A 603 -33.37 17.13 -12.91
CA SER A 603 -33.46 17.32 -14.35
C SER A 603 -32.47 16.48 -15.13
N VAL A 604 -31.58 15.76 -14.45
CA VAL A 604 -30.60 14.93 -15.15
C VAL A 604 -31.19 13.54 -15.33
N GLU A 605 -31.07 12.99 -16.54
CA GLU A 605 -31.63 11.68 -16.81
C GLU A 605 -31.01 10.61 -15.91
N ASN A 606 -31.86 9.74 -15.35
N ASN A 606 -31.88 9.76 -15.34
CA ASN A 606 -31.44 8.65 -14.46
CA ASN A 606 -31.48 8.66 -14.46
C ASN A 606 -30.82 9.17 -13.16
C ASN A 606 -30.81 9.17 -13.18
N TRP A 607 -31.17 10.39 -12.75
CA TRP A 607 -30.55 10.99 -11.57
C TRP A 607 -30.74 10.15 -10.31
N GLN A 608 -31.89 9.48 -10.17
CA GLN A 608 -32.16 8.77 -8.94
C GLN A 608 -31.28 7.53 -8.81
N VAL A 609 -31.09 6.80 -9.92
CA VAL A 609 -30.15 5.69 -9.93
C VAL A 609 -28.74 6.20 -9.62
N LEU A 610 -28.35 7.32 -10.23
CA LEU A 610 -27.01 7.87 -10.04
C LEU A 610 -26.79 8.30 -8.60
N ALA A 611 -27.82 8.92 -8.01
CA ALA A 611 -27.70 9.34 -6.62
C ALA A 611 -27.58 8.15 -5.69
N LYS A 612 -28.31 7.05 -5.96
CA LYS A 612 -28.13 5.84 -5.17
C LYS A 612 -26.72 5.27 -5.34
N ASP A 613 -26.19 5.33 -6.57
CA ASP A 613 -24.80 4.91 -6.81
C ASP A 613 -23.83 5.74 -5.97
N LEU A 614 -24.06 7.05 -5.87
CA LEU A 614 -23.17 7.90 -5.09
C LEU A 614 -23.18 7.50 -3.62
N LEU A 615 -24.37 7.27 -3.06
CA LEU A 615 -24.48 6.84 -1.67
C LEU A 615 -23.78 5.50 -1.45
N GLU A 616 -23.89 4.59 -2.43
CA GLU A 616 -23.18 3.32 -2.35
C GLU A 616 -21.67 3.54 -2.38
N PHE A 617 -21.20 4.45 -3.24
CA PHE A 617 -19.77 4.77 -3.27
C PHE A 617 -19.30 5.37 -1.95
N VAL A 618 -20.08 6.30 -1.38
CA VAL A 618 -19.67 6.92 -0.12
C VAL A 618 -19.47 5.87 0.96
N GLU A 619 -20.33 4.84 0.98
CA GLU A 619 -20.17 3.78 1.95
C GLU A 619 -18.88 3.02 1.73
N GLN A 620 -18.60 2.65 0.48
CA GLN A 620 -17.38 1.91 0.18
C GLN A 620 -16.15 2.76 0.47
N TRP A 621 -16.15 3.99 -0.02
CA TRP A 621 -15.08 4.94 0.28
C TRP A 621 -14.89 5.11 1.79
N GLY A 622 -16.00 5.23 2.54
CA GLY A 622 -15.89 5.39 3.99
C GLY A 622 -15.30 4.18 4.68
N VAL A 623 -15.57 2.97 4.15
CA VAL A 623 -15.06 1.72 4.69
C VAL A 623 -13.54 1.66 4.63
N VAL A 624 -12.92 2.29 3.63
CA VAL A 624 -11.46 2.26 3.50
C VAL A 624 -10.81 3.57 3.96
N LYS A 625 -11.59 4.51 4.46
CA LYS A 625 -11.06 5.78 4.88
C LYS A 625 -10.19 5.57 6.11
N PRO A 626 -8.91 5.99 6.09
CA PRO A 626 -8.03 5.78 7.25
C PRO A 626 -8.62 6.20 8.58
N GLY A 627 -8.70 5.27 9.54
CA GLY A 627 -9.14 5.57 10.88
C GLY A 627 -10.63 5.54 11.14
N ILE A 628 -11.46 5.43 10.10
CA ILE A 628 -12.92 5.41 10.30
C ILE A 628 -13.36 4.04 10.81
N LYS A 629 -13.99 4.02 11.99
CA LYS A 629 -14.54 2.80 12.56
C LYS A 629 -15.99 2.56 12.19
N GLU A 630 -16.78 3.61 11.94
CA GLU A 630 -18.16 3.38 11.55
C GLU A 630 -18.69 4.55 10.74
N ILE A 631 -19.78 4.30 10.03
CA ILE A 631 -20.45 5.29 9.21
C ILE A 631 -21.87 5.47 9.74
N GLU A 632 -22.24 6.72 10.01
CA GLU A 632 -23.59 7.05 10.46
C GLU A 632 -24.41 7.61 9.30
N GLY A 633 -25.73 7.43 9.39
CA GLY A 633 -26.66 8.06 8.47
C GLY A 633 -27.03 7.29 7.22
N LEU A 634 -26.47 6.09 7.01
CA LEU A 634 -26.76 5.39 5.76
C LEU A 634 -28.22 5.04 5.64
N LEU A 635 -28.84 4.54 6.72
CA LEU A 635 -30.25 4.19 6.66
C LEU A 635 -31.11 5.43 6.38
N LYS A 636 -30.86 6.51 7.09
CA LYS A 636 -31.69 7.71 6.95
C LYS A 636 -31.61 8.29 5.55
N TYR A 637 -30.39 8.41 5.00
CA TYR A 637 -30.26 9.02 3.68
C TYR A 637 -30.58 8.04 2.55
N HIS A 638 -30.47 6.74 2.79
CA HIS A 638 -30.98 5.78 1.81
C HIS A 638 -32.50 5.89 1.67
N GLU A 639 -33.21 5.96 2.80
CA GLU A 639 -34.66 6.14 2.73
C GLU A 639 -35.02 7.42 1.99
N ALA A 640 -34.24 8.49 2.21
CA ALA A 640 -34.53 9.77 1.59
C ALA A 640 -34.45 9.69 0.07
N ILE A 641 -33.45 8.99 -0.47
CA ILE A 641 -33.32 8.96 -1.93
C ILE A 641 -34.22 7.87 -2.52
N SER A 642 -34.54 6.83 -1.73
CA SER A 642 -35.31 5.69 -2.25
C SER A 642 -36.79 6.02 -2.36
N ASN A 643 -37.32 6.76 -1.40
CA ASN A 643 -38.71 7.23 -1.37
C ASN A 643 -38.65 8.74 -1.49
N PHE A 644 -38.38 9.22 -2.72
CA PHE A 644 -37.96 10.61 -2.90
C PHE A 644 -39.13 11.57 -2.73
N GLN A 645 -40.26 11.30 -3.39
CA GLN A 645 -41.40 12.20 -3.27
C GLN A 645 -41.97 12.18 -1.86
N LYS A 646 -42.04 11.00 -1.23
CA LYS A 646 -42.53 10.92 0.15
C LYS A 646 -41.62 11.66 1.13
N SER A 647 -40.33 11.79 0.82
CA SER A 647 -39.39 12.42 1.74
C SER A 647 -39.41 13.94 1.65
N LYS A 648 -40.13 14.53 0.71
CA LYS A 648 -40.33 15.98 0.64
C LYS A 648 -39.00 16.73 0.69
N TRP A 649 -38.19 16.53 -0.34
CA TRP A 649 -36.96 17.29 -0.47
C TRP A 649 -37.27 18.77 -0.75
N TYR A 650 -36.32 19.63 -0.43
CA TYR A 650 -36.43 21.07 -0.70
C TYR A 650 -35.86 21.40 -2.07
N GLN A 651 -36.40 22.46 -2.68
CA GLN A 651 -35.91 22.96 -3.96
C GLN A 651 -35.96 21.91 -5.05
N SER A 652 -36.96 21.02 -5.01
CA SER A 652 -37.09 19.99 -6.04
C SER A 652 -38.01 20.50 -7.15
N SAM B . 1.36 -9.37 -10.50
CA SAM B . 2.53 -9.80 -9.72
C SAM B . 2.19 -10.14 -8.27
O SAM B . 1.07 -10.00 -7.80
OXT SAM B . 3.05 -10.58 -7.49
CB SAM B . 3.59 -8.71 -9.77
CG SAM B . 4.99 -9.23 -9.48
SD SAM B . 6.13 -7.90 -9.02
CE SAM B . 5.25 -6.40 -9.51
C5' SAM B . 7.35 -8.06 -10.34
C4' SAM B . 6.83 -8.52 -11.68
O4' SAM B . 6.15 -7.44 -12.30
C3' SAM B . 8.04 -8.85 -12.53
O3' SAM B . 7.75 -9.92 -13.41
C2' SAM B . 8.27 -7.55 -13.28
O2' SAM B . 8.93 -7.76 -14.51
C1' SAM B . 6.86 -7.01 -13.45
N9 SAM B . 6.89 -5.55 -13.65
C8 SAM B . 7.54 -4.62 -12.84
N7 SAM B . 7.36 -3.39 -13.40
C5 SAM B . 6.60 -3.52 -14.53
C6 SAM B . 6.12 -2.61 -15.46
N6 SAM B . 6.39 -1.30 -15.35
N1 SAM B . 5.37 -3.05 -16.53
C2 SAM B . 5.09 -4.40 -16.67
N3 SAM B . 5.58 -5.30 -15.74
C4 SAM B . 6.32 -4.87 -14.69
MN MN C . 5.97 -2.55 -4.07
C1 MLI D . 7.34 -5.67 -3.29
C2 MLI D . 8.32 -4.52 -3.12
C3 MLI D . 5.96 -5.30 -2.77
O6 MLI D . 7.98 -3.36 -3.48
O7 MLI D . 9.49 -4.73 -2.68
O8 MLI D . 5.38 -4.24 -3.16
O9 MLI D . 5.40 -6.05 -1.93
C1 GOL E . 0.85 -8.23 2.55
O1 GOL E . 0.48 -7.78 3.83
C2 GOL E . 1.27 -7.05 1.70
O2 GOL E . 2.18 -6.22 2.40
C3 GOL E . 1.89 -7.57 0.39
O3 GOL E . 2.29 -6.47 -0.41
#